data_4B2G
#
_entry.id   4B2G
#
_cell.length_a   91.167
_cell.length_b   91.167
_cell.length_c   338.065
_cell.angle_alpha   90.00
_cell.angle_beta   90.00
_cell.angle_gamma   90.00
#
_symmetry.space_group_name_H-M   'P 41 21 2'
#
loop_
_entity.id
_entity.type
_entity.pdbx_description
1 polymer 'GH3-1 AUXIN CONJUGATING ENZYME'
2 non-polymer 'MALONATE ION'
3 non-polymer '[(2S,3R,4R,5R)-5-(6-aminopurin-9-yl)-3,4-bis(oxidanyl)oxolan-2-yl] 2-(1H-indol-3-yl)ethyl hydrogen phosphate'
4 water water
#
_entity_poly.entity_id   1
_entity_poly.type   'polypeptide(L)'
_entity_poly.pdbx_seq_one_letter_code
;MAVDPILSSPLGPAASEKDAKALQFIEEMTRNADSVQERVLAEILSRNGETEYLKRFKLEGSTVRETFKSKIPVIKYEDL
QPEIQRIANGDRSAILSAHPISEFLTSSGTSAGERKLMPTIQEELDRRQMLYSLLMPVMNLYVPGLDKGKGLYFLFVKSE
TRTPGGLLARPVLTSYYKSEHFKTRPYDPYNVYTSPNEAILCADSFQSMYTQMLCGIYERKQVLRLGAVFASGLLRAIRF
LQLNWHQLTHDIRTGTLSPKITDPSVRNCVAGVLKPDPELADLVAGECSKDNWEGIITRIWPNTKYLDVIVTGAMAQYIP
TLDYYSGGLPLACTMYASSECYFGLNLNPMSKPSEVSYTIMPNMAYFEFLPHEHSSIPLSRDSPPRLVDLAHVEVGKEYE
LVITTYAGLYRYRVGDILRVTGFHNSAPQFHFVRRKNVLLSIDSDKTDEAELQKAVDNASKLLREVNTSVVEYTSFADTK
TIPGHYVIYWELLVKDSANSPSDELLGQCCLAMEESLNSVYRQGRVADNSIGPLEIRVVKSGTFEELMDYAISRGASINQ
YKVPRCVNFTPIMELLDSRVVSSHFSPALPHWTPARRRAAALEHHHHHH
;
_entity_poly.pdbx_strand_id   A,B
#
# COMPACT_ATOMS: atom_id res chain seq x y z
N SER A 16 -24.90 -36.06 -10.89
CA SER A 16 -24.48 -37.48 -10.72
C SER A 16 -24.34 -37.86 -9.24
N GLU A 17 -24.40 -39.17 -8.96
CA GLU A 17 -24.29 -39.72 -7.60
C GLU A 17 -22.91 -39.41 -6.95
N LYS A 18 -21.85 -39.55 -7.73
CA LYS A 18 -20.48 -39.29 -7.24
C LYS A 18 -20.30 -37.81 -6.85
N ASP A 19 -20.82 -36.90 -7.69
CA ASP A 19 -20.78 -35.45 -7.41
C ASP A 19 -21.54 -35.09 -6.14
N ALA A 20 -22.75 -35.65 -6.01
CA ALA A 20 -23.62 -35.40 -4.86
C ALA A 20 -22.93 -35.74 -3.56
N LYS A 21 -22.31 -36.93 -3.52
CA LYS A 21 -21.56 -37.35 -2.34
C LYS A 21 -20.43 -36.37 -1.99
N ALA A 22 -19.78 -35.82 -3.02
CA ALA A 22 -18.65 -34.91 -2.82
C ALA A 22 -19.14 -33.57 -2.27
N LEU A 23 -20.24 -33.05 -2.81
CA LEU A 23 -20.87 -31.82 -2.32
C LEU A 23 -21.39 -31.94 -0.90
N GLN A 24 -21.97 -33.10 -0.58
CA GLN A 24 -22.43 -33.41 0.78
C GLN A 24 -21.29 -33.47 1.75
N PHE A 25 -20.14 -33.99 1.30
CA PHE A 25 -18.92 -33.97 2.10
C PHE A 25 -18.51 -32.53 2.45
N ILE A 26 -18.57 -31.64 1.48
CA ILE A 26 -18.28 -30.23 1.73
C ILE A 26 -19.22 -29.68 2.80
N GLU A 27 -20.53 -29.88 2.60
CA GLU A 27 -21.54 -29.41 3.55
C GLU A 27 -21.28 -29.96 4.95
N GLU A 28 -21.04 -31.26 5.05
CA GLU A 28 -20.79 -31.87 6.35
C GLU A 28 -19.55 -31.30 7.02
N MET A 29 -18.46 -31.18 6.26
CA MET A 29 -17.23 -30.64 6.82
C MET A 29 -17.40 -29.17 7.22
N THR A 30 -18.09 -28.40 6.38
CA THR A 30 -18.33 -26.99 6.65
C THR A 30 -19.34 -26.70 7.76
N ARG A 31 -20.41 -27.50 7.86
N ARG A 31 -20.41 -27.51 7.85
CA ARG A 31 -21.36 -27.34 8.99
CA ARG A 31 -21.38 -27.41 8.96
C ARG A 31 -20.69 -27.67 10.32
C ARG A 31 -20.71 -27.68 10.30
N ASN A 32 -19.78 -28.63 10.29
CA ASN A 32 -19.15 -29.14 11.51
C ASN A 32 -17.67 -28.77 11.69
N ALA A 33 -17.29 -27.63 11.13
CA ALA A 33 -15.91 -27.18 11.12
C ALA A 33 -15.21 -27.31 12.47
N ASP A 34 -15.77 -26.73 13.53
CA ASP A 34 -15.08 -26.74 14.82
C ASP A 34 -14.90 -28.13 15.45
N SER A 35 -15.89 -29.00 15.33
CA SER A 35 -15.76 -30.33 15.92
C SER A 35 -14.81 -31.20 15.07
N VAL A 36 -14.87 -31.04 13.75
CA VAL A 36 -13.94 -31.72 12.84
C VAL A 36 -12.50 -31.31 13.13
N GLN A 37 -12.29 -30.03 13.38
CA GLN A 37 -10.97 -29.53 13.72
C GLN A 37 -10.46 -30.18 15.01
N GLU A 38 -11.35 -30.24 16.01
CA GLU A 38 -11.11 -30.91 17.29
C GLU A 38 -10.69 -32.38 17.10
N ARG A 39 -11.43 -33.13 16.27
CA ARG A 39 -11.14 -34.55 16.02
C ARG A 39 -9.79 -34.74 15.33
N VAL A 40 -9.53 -33.92 14.30
CA VAL A 40 -8.30 -33.99 13.52
C VAL A 40 -7.13 -33.83 14.48
N LEU A 41 -7.19 -32.84 15.36
CA LEU A 41 -6.10 -32.66 16.29
C LEU A 41 -5.95 -33.85 17.25
N ALA A 42 -7.08 -34.37 17.71
CA ALA A 42 -7.11 -35.49 18.64
C ALA A 42 -6.48 -36.71 17.99
N GLU A 43 -6.84 -36.98 16.73
CA GLU A 43 -6.21 -38.03 15.95
C GLU A 43 -4.68 -37.84 15.89
N ILE A 44 -4.25 -36.61 15.62
CA ILE A 44 -2.83 -36.32 15.46
C ILE A 44 -2.12 -36.54 16.78
N LEU A 45 -2.71 -36.03 17.86
CA LEU A 45 -2.08 -36.11 19.16
C LEU A 45 -2.15 -37.50 19.77
N SER A 46 -3.15 -38.28 19.39
CA SER A 46 -3.28 -39.66 19.86
C SER A 46 -2.19 -40.54 19.21
N ARG A 47 -2.10 -40.47 17.88
CA ARG A 47 -1.08 -41.15 17.09
C ARG A 47 0.36 -40.74 17.40
N ASN A 48 0.60 -39.43 17.45
CA ASN A 48 1.96 -38.92 17.53
C ASN A 48 2.36 -38.55 18.94
N GLY A 49 1.52 -38.91 19.91
CA GLY A 49 1.77 -38.56 21.32
C GLY A 49 3.11 -39.01 21.89
N GLU A 50 3.61 -40.13 21.38
CA GLU A 50 4.86 -40.70 21.88
C GLU A 50 6.12 -40.17 21.21
N THR A 51 5.96 -39.34 20.16
CA THR A 51 7.09 -38.83 19.39
C THR A 51 8.05 -38.02 20.25
N GLU A 52 9.32 -38.04 19.88
CA GLU A 52 10.36 -37.32 20.59
C GLU A 52 9.96 -35.85 20.78
N TYR A 53 9.42 -35.25 19.72
CA TYR A 53 9.14 -33.81 19.69
C TYR A 53 8.01 -33.42 20.65
N LEU A 54 6.92 -34.16 20.62
CA LEU A 54 5.79 -33.88 21.52
C LEU A 54 6.14 -34.10 22.99
N LYS A 55 6.88 -35.17 23.28
CA LYS A 55 7.22 -35.50 24.66
C LYS A 55 8.17 -34.47 25.26
N ARG A 56 8.77 -33.66 24.38
CA ARG A 56 9.66 -32.59 24.79
C ARG A 56 8.93 -31.53 25.62
N PHE A 57 7.63 -31.36 25.35
CA PHE A 57 6.85 -30.29 25.98
C PHE A 57 5.81 -30.80 26.98
N LYS A 58 6.08 -31.96 27.58
CA LYS A 58 5.27 -32.52 28.66
C LYS A 58 3.77 -32.36 28.41
N LEU A 59 3.30 -32.99 27.34
CA LEU A 59 1.89 -32.98 26.97
C LEU A 59 1.07 -33.94 27.84
N GLU A 60 1.76 -34.89 28.47
CA GLU A 60 1.17 -35.87 29.43
C GLU A 60 -0.04 -36.65 28.88
N GLY A 61 0.02 -36.99 27.60
CA GLY A 61 -1.01 -37.78 26.92
C GLY A 61 -2.25 -37.02 26.46
N SER A 62 -2.35 -35.74 26.84
CA SER A 62 -3.54 -34.93 26.52
C SER A 62 -3.71 -34.70 25.02
N THR A 63 -4.93 -34.92 24.56
CA THR A 63 -5.26 -34.77 23.16
C THR A 63 -6.26 -33.62 22.88
N VAL A 64 -6.47 -32.75 23.87
CA VAL A 64 -7.39 -31.61 23.69
C VAL A 64 -6.67 -30.30 23.31
N ARG A 65 -7.40 -29.40 22.64
CA ARG A 65 -6.89 -28.10 22.15
C ARG A 65 -6.17 -27.22 23.16
N GLU A 66 -6.72 -27.15 24.36
CA GLU A 66 -6.29 -26.19 25.39
C GLU A 66 -4.88 -26.44 25.92
N THR A 67 -4.54 -27.69 26.25
CA THR A 67 -3.17 -28.02 26.68
C THR A 67 -2.18 -27.93 25.50
N PHE A 68 -2.64 -28.35 24.33
CA PHE A 68 -1.86 -28.23 23.10
C PHE A 68 -1.42 -26.78 22.90
N LYS A 69 -2.39 -25.86 22.93
CA LYS A 69 -2.11 -24.43 22.76
C LYS A 69 -1.13 -23.84 23.79
N SER A 70 -1.22 -24.28 25.03
CA SER A 70 -0.40 -23.67 26.08
C SER A 70 1.00 -24.26 26.20
N LYS A 71 1.24 -25.40 25.55
CA LYS A 71 2.52 -26.09 25.73
C LYS A 71 3.39 -26.18 24.48
N ILE A 72 2.74 -26.35 23.33
CA ILE A 72 3.44 -26.51 22.06
C ILE A 72 3.74 -25.16 21.41
N PRO A 73 5.05 -24.86 21.21
CA PRO A 73 5.41 -23.56 20.66
C PRO A 73 4.93 -23.38 19.24
N VAL A 74 4.77 -22.12 18.84
CA VAL A 74 4.42 -21.78 17.47
C VAL A 74 5.71 -21.43 16.75
N ILE A 75 5.96 -22.11 15.64
CA ILE A 75 7.30 -22.14 15.05
C ILE A 75 7.39 -21.74 13.59
N LYS A 76 8.60 -21.34 13.21
CA LYS A 76 8.96 -21.17 11.81
C LYS A 76 9.86 -22.34 11.43
N TYR A 77 10.13 -22.47 10.13
CA TYR A 77 10.94 -23.54 9.56
C TYR A 77 12.27 -23.75 10.24
N GLU A 78 13.00 -22.66 10.42
CA GLU A 78 14.29 -22.68 11.08
C GLU A 78 14.27 -23.37 12.45
N ASP A 79 13.16 -23.22 13.18
CA ASP A 79 13.01 -23.77 14.53
C ASP A 79 13.05 -25.30 14.53
N LEU A 80 12.61 -25.88 13.41
CA LEU A 80 12.42 -27.31 13.28
C LEU A 80 13.60 -28.00 12.59
N GLN A 81 14.56 -27.21 12.11
CA GLN A 81 15.68 -27.75 11.37
C GLN A 81 16.50 -28.84 12.11
N PRO A 82 16.74 -28.69 13.42
CA PRO A 82 17.43 -29.80 14.10
C PRO A 82 16.74 -31.14 13.88
N GLU A 83 15.42 -31.17 14.05
CA GLU A 83 14.66 -32.41 13.92
C GLU A 83 14.63 -32.86 12.46
N ILE A 84 14.45 -31.90 11.56
CA ILE A 84 14.33 -32.22 10.15
C ILE A 84 15.67 -32.66 9.55
N GLN A 85 16.78 -32.12 10.03
CA GLN A 85 18.08 -32.47 9.48
C GLN A 85 18.45 -33.90 9.87
N ARG A 86 18.16 -34.25 11.13
CA ARG A 86 18.37 -35.60 11.64
C ARG A 86 17.56 -36.62 10.84
N ILE A 87 16.31 -36.30 10.52
CA ILE A 87 15.51 -37.16 9.66
C ILE A 87 16.11 -37.24 8.25
N ALA A 88 16.64 -36.11 7.78
CA ALA A 88 17.25 -36.03 6.46
C ALA A 88 18.49 -36.91 6.39
N ASN A 89 19.22 -36.95 7.51
CA ASN A 89 20.46 -37.68 7.61
C ASN A 89 20.31 -39.13 8.07
N GLY A 90 19.08 -39.65 8.00
CA GLY A 90 18.83 -41.09 8.21
C GLY A 90 18.27 -41.58 9.53
N ASP A 91 18.04 -40.67 10.49
CA ASP A 91 17.41 -41.04 11.76
C ASP A 91 15.95 -41.39 11.53
N ARG A 92 15.60 -42.66 11.74
CA ARG A 92 14.29 -43.18 11.38
C ARG A 92 13.35 -43.36 12.58
N SER A 93 13.79 -42.94 13.77
CA SER A 93 12.94 -43.06 14.96
C SER A 93 11.77 -42.06 14.91
N ALA A 94 10.77 -42.29 15.76
CA ALA A 94 9.58 -41.43 15.83
C ALA A 94 9.93 -40.07 16.42
N ILE A 95 10.41 -39.17 15.56
CA ILE A 95 10.80 -37.84 16.01
C ILE A 95 9.62 -36.88 15.89
N LEU A 96 9.04 -36.78 14.69
CA LEU A 96 7.92 -35.87 14.47
C LEU A 96 6.64 -36.64 14.24
N SER A 97 6.76 -37.82 13.65
CA SER A 97 5.59 -38.61 13.34
C SER A 97 5.72 -40.06 13.80
N ALA A 98 4.57 -40.67 14.10
CA ALA A 98 4.51 -42.09 14.42
C ALA A 98 4.77 -42.92 13.15
N HIS A 99 4.19 -42.46 12.04
CA HIS A 99 4.45 -43.01 10.74
C HIS A 99 5.82 -42.59 10.28
N PRO A 100 6.47 -43.44 9.45
CA PRO A 100 7.74 -43.03 8.86
C PRO A 100 7.54 -41.86 7.90
N ILE A 101 8.49 -40.92 7.94
CA ILE A 101 8.54 -39.85 6.97
C ILE A 101 8.82 -40.48 5.61
N SER A 102 7.83 -40.43 4.73
CA SER A 102 7.96 -41.13 3.44
C SER A 102 8.88 -40.38 2.47
N GLU A 103 8.94 -39.05 2.59
CA GLU A 103 9.79 -38.21 1.77
C GLU A 103 9.67 -36.79 2.27
N PHE A 104 10.54 -35.91 1.78
CA PHE A 104 10.39 -34.48 1.98
C PHE A 104 9.86 -33.84 0.73
N LEU A 105 8.83 -33.01 0.93
CA LEU A 105 8.28 -32.24 -0.16
C LEU A 105 8.97 -30.89 -0.10
N THR A 106 9.63 -30.56 -1.20
CA THR A 106 10.43 -29.36 -1.26
C THR A 106 9.56 -28.15 -1.63
N SER A 107 9.37 -27.26 -0.67
CA SER A 107 8.58 -26.04 -0.91
C SER A 107 9.29 -25.18 -1.95
N SER A 108 8.53 -24.39 -2.71
CA SER A 108 9.15 -23.38 -3.56
C SER A 108 9.67 -22.19 -2.73
N GLY A 109 9.21 -22.08 -1.49
CA GLY A 109 9.78 -21.14 -0.51
C GLY A 109 11.11 -21.64 0.01
N THR A 110 12.10 -20.76 0.17
CA THR A 110 13.47 -21.17 0.50
C THR A 110 13.93 -20.69 1.88
N SER A 111 14.92 -21.39 2.43
CA SER A 111 15.60 -20.97 3.66
C SER A 111 17.10 -21.13 3.43
N ALA A 112 17.84 -20.06 3.72
CA ALA A 112 19.28 -19.95 3.38
C ALA A 112 19.57 -20.34 1.92
N GLY A 113 18.70 -19.91 1.00
CA GLY A 113 18.90 -20.15 -0.44
C GLY A 113 18.38 -21.49 -0.95
N GLU A 114 17.97 -22.37 -0.05
CA GLU A 114 17.57 -23.73 -0.42
C GLU A 114 16.08 -24.00 -0.13
N ARG A 115 15.45 -24.73 -1.03
CA ARG A 115 14.06 -25.15 -0.86
C ARG A 115 13.84 -25.73 0.53
N LYS A 116 12.74 -25.34 1.18
CA LYS A 116 12.40 -25.87 2.50
C LYS A 116 11.91 -27.33 2.42
N LEU A 117 12.42 -28.16 3.33
CA LEU A 117 12.06 -29.58 3.38
C LEU A 117 10.81 -29.77 4.25
N MET A 118 9.69 -30.06 3.60
CA MET A 118 8.44 -30.31 4.32
C MET A 118 8.18 -31.81 4.46
N PRO A 119 8.15 -32.32 5.70
CA PRO A 119 7.93 -33.72 5.93
C PRO A 119 6.53 -34.13 5.49
N THR A 120 6.45 -35.31 4.89
CA THR A 120 5.14 -35.89 4.65
C THR A 120 5.12 -37.38 5.05
N ILE A 121 3.94 -37.98 5.01
CA ILE A 121 3.75 -39.39 5.26
C ILE A 121 2.85 -39.95 4.17
N GLN A 122 2.83 -41.27 4.04
CA GLN A 122 2.12 -41.92 2.94
C GLN A 122 0.63 -41.61 2.84
N GLU A 123 -0.09 -41.61 3.95
CA GLU A 123 -1.56 -41.42 3.87
C GLU A 123 -1.98 -40.00 3.50
N GLU A 124 -1.04 -39.05 3.60
CA GLU A 124 -1.29 -37.68 3.19
C GLU A 124 -1.74 -37.61 1.71
N LEU A 125 -1.20 -38.50 0.89
CA LEU A 125 -1.59 -38.60 -0.51
C LEU A 125 -3.09 -38.81 -0.71
N ASP A 126 -3.70 -39.56 0.20
CA ASP A 126 -5.17 -39.79 0.19
C ASP A 126 -5.94 -38.47 0.41
N ARG A 127 -5.49 -37.67 1.37
CA ARG A 127 -6.09 -36.36 1.61
C ARG A 127 -5.95 -35.40 0.43
N ARG A 128 -4.77 -35.36 -0.18
CA ARG A 128 -4.57 -34.56 -1.40
C ARG A 128 -5.55 -34.99 -2.48
N GLN A 129 -5.63 -36.31 -2.70
CA GLN A 129 -6.57 -36.88 -3.68
C GLN A 129 -8.02 -36.54 -3.35
N MET A 130 -8.34 -36.55 -2.05
N MET A 130 -8.35 -36.56 -2.06
CA MET A 130 -9.67 -36.23 -1.55
CA MET A 130 -9.69 -36.23 -1.60
C MET A 130 -10.03 -34.80 -1.95
C MET A 130 -10.04 -34.80 -1.98
N LEU A 131 -9.13 -33.87 -1.67
CA LEU A 131 -9.31 -32.46 -2.05
C LEU A 131 -9.45 -32.31 -3.58
N TYR A 132 -8.56 -32.94 -4.35
CA TYR A 132 -8.68 -32.94 -5.81
C TYR A 132 -10.04 -33.45 -6.28
N SER A 133 -10.60 -34.44 -5.57
CA SER A 133 -11.87 -35.04 -5.96
C SER A 133 -13.07 -34.12 -5.74
N LEU A 134 -12.88 -33.06 -4.96
CA LEU A 134 -13.96 -32.09 -4.73
C LEU A 134 -14.11 -31.05 -5.82
N LEU A 135 -13.06 -30.82 -6.60
CA LEU A 135 -12.99 -29.67 -7.53
C LEU A 135 -14.01 -29.70 -8.65
N MET A 136 -14.08 -30.81 -9.36
CA MET A 136 -15.03 -30.96 -10.46
C MET A 136 -16.52 -30.96 -10.05
N PRO A 137 -16.88 -31.64 -8.94
CA PRO A 137 -18.27 -31.56 -8.47
C PRO A 137 -18.71 -30.12 -8.25
N VAL A 138 -17.83 -29.31 -7.68
CA VAL A 138 -18.09 -27.89 -7.47
C VAL A 138 -18.15 -27.13 -8.78
N MET A 139 -17.22 -27.42 -9.69
CA MET A 139 -17.17 -26.70 -10.97
C MET A 139 -18.38 -26.98 -11.82
N ASN A 140 -18.83 -28.23 -11.84
CA ASN A 140 -19.97 -28.63 -12.67
C ASN A 140 -21.24 -27.84 -12.39
N LEU A 141 -21.36 -27.34 -11.16
CA LEU A 141 -22.47 -26.49 -10.73
C LEU A 141 -22.49 -25.18 -11.51
N TYR A 142 -21.32 -24.66 -11.84
CA TYR A 142 -21.21 -23.33 -12.44
C TYR A 142 -21.00 -23.35 -13.93
N VAL A 143 -20.29 -24.39 -14.40
CA VAL A 143 -20.01 -24.53 -15.82
C VAL A 143 -20.49 -25.91 -16.27
N PRO A 144 -21.53 -25.93 -17.12
CA PRO A 144 -22.12 -27.20 -17.50
C PRO A 144 -21.42 -27.84 -18.71
N GLY A 145 -21.66 -29.14 -18.91
CA GLY A 145 -21.29 -29.82 -20.14
C GLY A 145 -19.81 -30.12 -20.32
N LEU A 146 -19.07 -30.15 -19.22
CA LEU A 146 -17.63 -30.42 -19.28
C LEU A 146 -17.29 -31.87 -19.62
N ASP A 147 -18.27 -32.77 -19.51
CA ASP A 147 -18.12 -34.17 -19.92
C ASP A 147 -18.21 -34.38 -21.43
N LYS A 148 -18.58 -33.34 -22.19
CA LYS A 148 -18.64 -33.42 -23.65
C LYS A 148 -17.28 -33.25 -24.34
N GLY A 149 -16.20 -33.22 -23.55
CA GLY A 149 -14.88 -32.92 -24.08
C GLY A 149 -13.79 -33.05 -23.05
N LYS A 150 -12.68 -32.36 -23.29
CA LYS A 150 -11.44 -32.57 -22.54
C LYS A 150 -10.84 -31.28 -22.03
N GLY A 151 -9.92 -31.42 -21.08
CA GLY A 151 -9.10 -30.31 -20.63
C GLY A 151 -7.74 -30.42 -21.26
N LEU A 152 -7.21 -29.28 -21.71
CA LEU A 152 -5.83 -29.16 -22.12
C LEU A 152 -5.08 -28.51 -20.98
N TYR A 153 -4.39 -29.35 -20.20
CA TYR A 153 -3.56 -28.88 -19.08
C TYR A 153 -2.09 -29.11 -19.35
N PHE A 154 -1.27 -28.15 -18.95
CA PHE A 154 0.15 -28.28 -19.15
C PHE A 154 0.77 -28.51 -17.78
N LEU A 155 1.13 -29.77 -17.49
CA LEU A 155 1.62 -30.17 -16.17
C LEU A 155 3.00 -30.83 -16.22
N PHE A 156 3.82 -30.58 -15.21
CA PHE A 156 5.22 -30.92 -15.30
C PHE A 156 5.76 -31.45 -14.00
N VAL A 157 6.64 -32.43 -14.13
CA VAL A 157 7.42 -32.91 -13.01
C VAL A 157 8.68 -32.10 -13.04
N LYS A 158 9.36 -32.08 -11.89
CA LYS A 158 10.61 -31.39 -11.73
C LYS A 158 11.59 -32.39 -11.12
N SER A 159 12.87 -32.04 -11.11
N SER A 159 12.87 -32.04 -11.12
CA SER A 159 13.93 -32.97 -10.74
CA SER A 159 13.93 -32.98 -10.75
C SER A 159 13.86 -33.36 -9.27
C SER A 159 13.87 -33.35 -9.27
N GLU A 160 14.33 -34.57 -8.97
CA GLU A 160 14.37 -35.07 -7.60
C GLU A 160 15.81 -35.14 -7.11
N THR A 161 15.99 -35.34 -5.81
CA THR A 161 17.27 -35.63 -5.23
C THR A 161 17.03 -36.50 -4.01
N ARG A 162 18.09 -36.99 -3.36
CA ARG A 162 17.91 -37.70 -2.09
C ARG A 162 18.78 -37.11 -1.04
N THR A 163 18.32 -37.19 0.19
CA THR A 163 19.03 -36.68 1.34
C THR A 163 20.09 -37.71 1.72
N PRO A 164 21.11 -37.31 2.50
CA PRO A 164 22.09 -38.33 2.88
C PRO A 164 21.48 -39.64 3.42
N GLY A 165 20.43 -39.52 4.22
CA GLY A 165 19.80 -40.71 4.80
C GLY A 165 18.89 -41.45 3.84
N GLY A 166 18.83 -40.96 2.60
CA GLY A 166 18.18 -41.67 1.50
C GLY A 166 16.76 -41.26 1.16
N LEU A 167 16.26 -40.25 1.84
CA LEU A 167 14.90 -39.77 1.60
C LEU A 167 14.83 -38.95 0.34
N LEU A 168 13.77 -39.18 -0.42
CA LEU A 168 13.48 -38.43 -1.62
C LEU A 168 13.13 -37.01 -1.21
N ALA A 169 13.64 -36.03 -1.96
CA ALA A 169 13.30 -34.63 -1.75
C ALA A 169 12.91 -34.01 -3.09
N ARG A 170 11.62 -33.75 -3.26
CA ARG A 170 11.08 -33.25 -4.52
C ARG A 170 9.79 -32.41 -4.32
N PRO A 171 9.43 -31.59 -5.32
CA PRO A 171 8.22 -30.78 -5.18
C PRO A 171 6.95 -31.62 -5.01
N VAL A 172 5.96 -31.06 -4.32
CA VAL A 172 4.75 -31.78 -4.00
C VAL A 172 4.00 -32.23 -5.25
N LEU A 173 3.95 -31.37 -6.27
CA LEU A 173 3.32 -31.72 -7.53
C LEU A 173 4.02 -32.89 -8.22
N THR A 174 5.35 -32.93 -8.13
CA THR A 174 6.10 -34.04 -8.72
C THR A 174 5.75 -35.33 -7.98
N SER A 175 5.81 -35.28 -6.66
CA SER A 175 5.40 -36.41 -5.82
C SER A 175 3.98 -36.87 -6.15
N TYR A 176 3.08 -35.93 -6.44
CA TYR A 176 1.72 -36.31 -6.77
C TYR A 176 1.56 -36.89 -8.17
N TYR A 177 2.16 -36.26 -9.18
CA TYR A 177 2.07 -36.79 -10.55
C TYR A 177 2.67 -38.19 -10.66
N LYS A 178 3.72 -38.45 -9.90
CA LYS A 178 4.42 -39.72 -9.98
C LYS A 178 3.85 -40.81 -9.08
N SER A 179 2.82 -40.46 -8.30
CA SER A 179 2.13 -41.37 -7.39
C SER A 179 1.04 -42.14 -8.11
N GLU A 180 0.57 -43.20 -7.47
CA GLU A 180 -0.48 -44.00 -8.07
C GLU A 180 -1.86 -43.32 -8.04
N HIS A 181 -2.07 -42.48 -7.05
CA HIS A 181 -3.28 -41.63 -6.98
C HIS A 181 -3.49 -40.82 -8.21
N PHE A 182 -2.41 -40.41 -8.87
CA PHE A 182 -2.49 -39.72 -10.17
C PHE A 182 -2.42 -40.67 -11.37
N LYS A 183 -1.40 -41.53 -11.40
CA LYS A 183 -1.15 -42.38 -12.58
C LYS A 183 -2.34 -43.28 -12.89
N THR A 184 -2.87 -43.93 -11.86
CA THR A 184 -4.09 -44.74 -12.01
C THR A 184 -5.25 -44.08 -11.26
N ARG A 185 -5.42 -42.77 -11.51
CA ARG A 185 -6.48 -41.97 -10.87
C ARG A 185 -7.85 -42.53 -11.25
N PRO A 186 -8.84 -42.41 -10.34
CA PRO A 186 -10.22 -42.82 -10.64
C PRO A 186 -10.73 -42.17 -11.90
N TYR A 187 -11.55 -42.88 -12.66
CA TYR A 187 -12.13 -42.32 -13.88
C TYR A 187 -13.04 -41.15 -13.54
N ASP A 188 -13.02 -40.14 -14.40
CA ASP A 188 -13.89 -38.97 -14.25
C ASP A 188 -14.12 -38.35 -15.62
N PRO A 189 -15.35 -38.52 -16.17
CA PRO A 189 -15.68 -38.02 -17.51
C PRO A 189 -15.65 -36.50 -17.60
N TYR A 190 -15.73 -35.82 -16.46
CA TYR A 190 -15.63 -34.37 -16.39
C TYR A 190 -14.18 -33.90 -16.24
N ASN A 191 -13.23 -34.84 -16.31
CA ASN A 191 -11.84 -34.53 -16.03
C ASN A 191 -10.88 -35.34 -16.90
N VAL A 192 -11.22 -35.44 -18.18
CA VAL A 192 -10.37 -36.13 -19.13
C VAL A 192 -9.37 -35.16 -19.75
N TYR A 193 -8.09 -35.45 -19.53
CA TYR A 193 -7.02 -34.62 -20.02
C TYR A 193 -6.59 -35.05 -21.42
N THR A 194 -6.04 -34.07 -22.13
CA THR A 194 -5.46 -34.30 -23.45
CA THR A 194 -5.48 -34.29 -23.44
C THR A 194 -4.07 -34.88 -23.31
N SER A 195 -3.34 -34.44 -22.27
CA SER A 195 -1.96 -34.86 -22.05
C SER A 195 -1.86 -36.27 -21.44
N PRO A 196 -1.17 -37.19 -22.14
CA PRO A 196 -1.00 -38.54 -21.59
C PRO A 196 -0.05 -38.51 -20.40
N ASN A 197 -0.17 -39.50 -19.53
CA ASN A 197 0.64 -39.55 -18.33
C ASN A 197 2.13 -39.46 -18.63
N GLU A 198 2.55 -40.18 -19.68
CA GLU A 198 3.97 -40.30 -20.02
C GLU A 198 4.59 -38.96 -20.45
N ALA A 199 3.79 -38.11 -21.07
CA ALA A 199 4.22 -36.73 -21.37
C ALA A 199 4.44 -35.94 -20.08
N ILE A 200 3.48 -36.01 -19.17
CA ILE A 200 3.55 -35.29 -17.91
C ILE A 200 4.73 -35.77 -17.09
N LEU A 201 4.97 -37.09 -17.14
CA LEU A 201 5.99 -37.71 -16.30
C LEU A 201 7.40 -37.62 -16.90
N CYS A 202 7.47 -37.25 -18.18
CA CYS A 202 8.75 -37.09 -18.84
C CYS A 202 9.62 -36.03 -18.16
N ALA A 203 10.85 -36.43 -17.86
CA ALA A 203 11.77 -35.59 -17.13
C ALA A 203 12.42 -34.52 -18.01
N ASP A 204 12.22 -34.61 -19.33
CA ASP A 204 12.75 -33.59 -20.24
C ASP A 204 11.64 -32.58 -20.52
N SER A 205 11.82 -31.36 -20.02
CA SER A 205 10.78 -30.34 -20.10
C SER A 205 10.40 -29.98 -21.55
N PHE A 206 11.38 -29.86 -22.44
CA PHE A 206 11.08 -29.55 -23.83
C PHE A 206 10.18 -30.62 -24.46
N GLN A 207 10.50 -31.89 -24.22
CA GLN A 207 9.75 -33.01 -24.81
C GLN A 207 8.36 -33.10 -24.20
N SER A 208 8.29 -32.90 -22.88
CA SER A 208 7.00 -32.87 -22.18
C SER A 208 6.11 -31.75 -22.72
N MET A 209 6.66 -30.54 -22.84
CA MET A 209 5.89 -29.41 -23.36
C MET A 209 5.51 -29.66 -24.82
N TYR A 210 6.48 -30.12 -25.61
CA TYR A 210 6.25 -30.37 -27.02
C TYR A 210 5.05 -31.29 -27.26
N THR A 211 5.04 -32.43 -26.58
CA THR A 211 4.00 -33.44 -26.85
C THR A 211 2.66 -33.08 -26.23
N GLN A 212 2.69 -32.45 -25.05
CA GLN A 212 1.44 -31.92 -24.48
C GLN A 212 0.78 -30.92 -25.43
N MET A 213 1.59 -30.13 -26.12
CA MET A 213 1.06 -29.19 -27.10
C MET A 213 0.50 -29.89 -28.33
N LEU A 214 1.27 -30.83 -28.88
CA LEU A 214 0.86 -31.59 -30.05
C LEU A 214 -0.49 -32.28 -29.85
N CYS A 215 -0.64 -32.94 -28.70
CA CYS A 215 -1.87 -33.65 -28.37
C CYS A 215 -3.01 -32.66 -28.22
N GLY A 216 -2.74 -31.54 -27.55
CA GLY A 216 -3.74 -30.48 -27.44
C GLY A 216 -4.15 -29.90 -28.79
N ILE A 217 -3.22 -29.81 -29.73
CA ILE A 217 -3.59 -29.33 -31.05
C ILE A 217 -4.39 -30.39 -31.81
N TYR A 218 -3.95 -31.65 -31.75
CA TYR A 218 -4.69 -32.73 -32.43
C TYR A 218 -6.15 -32.84 -31.99
N GLU A 219 -6.38 -32.61 -30.69
CA GLU A 219 -7.72 -32.72 -30.11
C GLU A 219 -8.35 -31.35 -29.83
N ARG A 220 -7.99 -30.37 -30.65
CA ARG A 220 -8.39 -28.96 -30.44
C ARG A 220 -9.89 -28.74 -30.23
N LYS A 221 -10.72 -29.45 -30.99
CA LYS A 221 -12.16 -29.22 -30.94
C LYS A 221 -12.84 -29.79 -29.69
N GLN A 222 -12.24 -30.82 -29.10
CA GLN A 222 -12.72 -31.40 -27.85
C GLN A 222 -12.34 -30.57 -26.62
N VAL A 223 -11.46 -29.59 -26.79
CA VAL A 223 -10.91 -28.81 -25.68
C VAL A 223 -11.94 -27.80 -25.13
N LEU A 224 -12.32 -28.00 -23.86
CA LEU A 224 -13.37 -27.18 -23.24
C LEU A 224 -12.83 -26.22 -22.19
N ARG A 225 -11.58 -26.44 -21.82
CA ARG A 225 -10.84 -25.56 -20.92
C ARG A 225 -9.34 -25.75 -21.17
N LEU A 226 -8.58 -24.70 -20.92
CA LEU A 226 -7.12 -24.74 -20.94
C LEU A 226 -6.64 -24.43 -19.56
N GLY A 227 -5.50 -24.99 -19.18
CA GLY A 227 -5.03 -24.74 -17.84
C GLY A 227 -3.62 -25.14 -17.54
N ALA A 228 -3.20 -24.77 -16.34
CA ALA A 228 -1.92 -25.14 -15.77
C ALA A 228 -2.07 -24.73 -14.32
N VAL A 229 -1.17 -25.17 -13.47
CA VAL A 229 -1.29 -24.85 -12.06
C VAL A 229 -1.20 -23.34 -11.85
N PHE A 230 -0.16 -22.73 -12.41
CA PHE A 230 0.00 -21.28 -12.34
C PHE A 230 -0.25 -20.61 -13.69
N ALA A 231 -0.71 -19.37 -13.63
CA ALA A 231 -0.84 -18.51 -14.80
C ALA A 231 0.44 -18.51 -15.64
N SER A 232 1.60 -18.38 -14.99
CA SER A 232 2.88 -18.38 -15.71
C SER A 232 3.05 -19.64 -16.55
N GLY A 233 2.68 -20.80 -15.99
CA GLY A 233 2.72 -22.07 -16.72
C GLY A 233 1.94 -22.07 -18.02
N LEU A 234 0.77 -21.46 -18.03
CA LEU A 234 -0.02 -21.42 -19.25
C LEU A 234 0.56 -20.45 -20.26
N LEU A 235 1.06 -19.32 -19.78
CA LEU A 235 1.71 -18.35 -20.65
C LEU A 235 2.97 -18.94 -21.30
N ARG A 236 3.70 -19.76 -20.55
CA ARG A 236 4.88 -20.43 -21.06
C ARG A 236 4.51 -21.41 -22.19
N ALA A 237 3.32 -21.97 -22.10
CA ALA A 237 2.80 -22.86 -23.12
C ALA A 237 2.46 -22.11 -24.39
N ILE A 238 1.84 -20.94 -24.25
CA ILE A 238 1.45 -20.14 -25.39
C ILE A 238 2.70 -19.63 -26.11
N ARG A 239 3.69 -19.21 -25.33
CA ARG A 239 4.94 -18.76 -25.88
C ARG A 239 5.68 -19.92 -26.57
N PHE A 240 5.56 -21.12 -26.01
CA PHE A 240 6.21 -22.28 -26.63
C PHE A 240 5.67 -22.51 -28.04
N LEU A 241 4.35 -22.41 -28.20
CA LEU A 241 3.69 -22.55 -29.50
C LEU A 241 4.18 -21.48 -30.47
N GLN A 242 4.31 -20.26 -29.98
CA GLN A 242 4.81 -19.14 -30.78
C GLN A 242 6.19 -19.44 -31.38
N LEU A 243 7.02 -20.10 -30.56
CA LEU A 243 8.40 -20.42 -30.91
C LEU A 243 8.61 -21.78 -31.61
N ASN A 244 7.62 -22.66 -31.57
CA ASN A 244 7.80 -24.03 -32.09
C ASN A 244 6.69 -24.50 -33.04
N TRP A 245 5.84 -23.60 -33.52
CA TRP A 245 4.73 -24.03 -34.36
C TRP A 245 5.14 -24.52 -35.72
N HIS A 246 6.30 -24.06 -36.20
CA HIS A 246 6.84 -24.59 -37.46
C HIS A 246 7.00 -26.09 -37.39
N GLN A 247 7.81 -26.57 -36.45
CA GLN A 247 8.00 -28.01 -36.28
C GLN A 247 6.69 -28.75 -35.91
N LEU A 248 5.87 -28.17 -35.04
CA LEU A 248 4.61 -28.79 -34.61
C LEU A 248 3.66 -29.04 -35.78
N THR A 249 3.52 -28.03 -36.64
CA THR A 249 2.61 -28.13 -37.78
C THR A 249 3.12 -29.11 -38.83
N HIS A 250 4.45 -29.19 -38.97
CA HIS A 250 5.07 -30.14 -39.89
C HIS A 250 4.76 -31.54 -39.46
N ASP A 251 4.86 -31.78 -38.15
CA ASP A 251 4.52 -33.06 -37.56
C ASP A 251 3.08 -33.48 -37.84
N ILE A 252 2.14 -32.53 -37.77
CA ILE A 252 0.72 -32.81 -37.93
C ILE A 252 0.44 -33.11 -39.39
N ARG A 253 1.02 -32.29 -40.26
CA ARG A 253 0.90 -32.42 -41.69
C ARG A 253 1.35 -33.80 -42.14
N THR A 254 2.55 -34.18 -41.71
CA THR A 254 3.20 -35.42 -42.14
C THR A 254 2.75 -36.65 -41.36
N GLY A 255 2.21 -36.43 -40.17
CA GLY A 255 1.86 -37.52 -39.26
C GLY A 255 3.10 -38.22 -38.73
N THR A 256 4.17 -37.45 -38.53
CA THR A 256 5.41 -37.97 -37.95
C THR A 256 5.81 -37.12 -36.77
N LEU A 257 6.52 -37.71 -35.82
CA LEU A 257 6.92 -37.01 -34.60
C LEU A 257 8.37 -36.63 -34.67
N SER A 258 8.64 -35.34 -34.49
CA SER A 258 9.98 -34.80 -34.54
C SER A 258 11.01 -35.69 -33.86
N PRO A 259 12.16 -35.89 -34.53
CA PRO A 259 13.31 -36.62 -33.99
C PRO A 259 13.76 -36.05 -32.65
N LYS A 260 13.39 -34.80 -32.38
CA LYS A 260 13.74 -34.14 -31.12
C LYS A 260 13.11 -34.86 -29.92
N ILE A 261 12.07 -35.65 -30.18
CA ILE A 261 11.44 -36.45 -29.13
C ILE A 261 12.12 -37.82 -29.08
N THR A 262 13.12 -37.92 -28.20
CA THR A 262 13.98 -39.11 -28.08
C THR A 262 13.46 -40.16 -27.09
N ASP A 263 12.75 -39.71 -26.07
CA ASP A 263 12.16 -40.59 -25.08
C ASP A 263 11.11 -41.49 -25.76
N PRO A 264 11.36 -42.81 -25.80
CA PRO A 264 10.51 -43.74 -26.57
C PRO A 264 9.12 -43.86 -25.97
N SER A 265 9.06 -43.80 -24.64
CA SER A 265 7.82 -43.87 -23.88
C SER A 265 6.88 -42.70 -24.25
N VAL A 266 7.47 -41.51 -24.38
CA VAL A 266 6.79 -40.33 -24.89
C VAL A 266 6.44 -40.48 -26.39
N ARG A 267 7.34 -41.07 -27.17
CA ARG A 267 7.06 -41.31 -28.60
C ARG A 267 5.81 -42.17 -28.75
N ASN A 268 5.71 -43.21 -27.91
CA ASN A 268 4.59 -44.14 -27.93
C ASN A 268 3.25 -43.53 -27.49
N CYS A 269 3.28 -42.67 -26.47
CA CYS A 269 2.03 -42.12 -25.91
C CYS A 269 1.22 -41.27 -26.90
N VAL A 270 1.92 -40.78 -27.92
CA VAL A 270 1.35 -39.88 -28.91
C VAL A 270 0.76 -40.65 -30.10
N ALA A 271 0.94 -41.97 -30.10
CA ALA A 271 0.63 -42.81 -31.27
C ALA A 271 -0.83 -42.81 -31.67
N GLY A 272 -1.72 -42.72 -30.69
CA GLY A 272 -3.15 -42.65 -30.95
C GLY A 272 -3.52 -41.51 -31.89
N VAL A 273 -2.97 -40.31 -31.63
CA VAL A 273 -3.36 -39.10 -32.35
C VAL A 273 -2.55 -38.78 -33.60
N LEU A 274 -1.30 -39.25 -33.64
CA LEU A 274 -0.37 -38.96 -34.74
C LEU A 274 -0.85 -39.54 -36.06
N LYS A 275 -1.53 -38.70 -36.84
CA LYS A 275 -2.07 -39.07 -38.16
C LYS A 275 -1.89 -37.89 -39.10
N PRO A 276 -1.52 -38.13 -40.37
CA PRO A 276 -1.34 -37.00 -41.29
C PRO A 276 -2.65 -36.22 -41.42
N ASP A 277 -2.59 -34.93 -41.07
CA ASP A 277 -3.75 -34.05 -41.10
C ASP A 277 -3.36 -32.66 -41.64
N PRO A 278 -3.24 -32.55 -42.97
CA PRO A 278 -2.83 -31.29 -43.62
C PRO A 278 -3.80 -30.15 -43.35
N GLU A 279 -5.09 -30.46 -43.32
CA GLU A 279 -6.15 -29.49 -43.04
C GLU A 279 -5.87 -28.78 -41.71
N LEU A 280 -5.68 -29.57 -40.66
CA LEU A 280 -5.40 -29.05 -39.33
C LEU A 280 -4.06 -28.30 -39.27
N ALA A 281 -3.03 -28.85 -39.90
CA ALA A 281 -1.72 -28.18 -39.96
C ALA A 281 -1.80 -26.79 -40.62
N ASP A 282 -2.70 -26.63 -41.58
CA ASP A 282 -2.89 -25.35 -42.28
C ASP A 282 -3.70 -24.38 -41.45
N LEU A 283 -4.65 -24.91 -40.69
CA LEU A 283 -5.45 -24.08 -39.80
C LEU A 283 -4.55 -23.50 -38.72
N VAL A 284 -3.79 -24.36 -38.05
CA VAL A 284 -2.90 -23.95 -36.97
C VAL A 284 -1.83 -22.97 -37.45
N ALA A 285 -1.15 -23.29 -38.55
CA ALA A 285 -0.17 -22.37 -39.13
C ALA A 285 -0.84 -21.08 -39.61
N GLY A 286 -2.06 -21.19 -40.11
CA GLY A 286 -2.86 -20.00 -40.45
C GLY A 286 -2.95 -19.02 -39.30
N GLU A 287 -3.15 -19.52 -38.08
CA GLU A 287 -3.31 -18.67 -36.89
C GLU A 287 -1.97 -18.18 -36.34
N CYS A 288 -0.98 -19.06 -36.30
CA CYS A 288 0.30 -18.76 -35.70
C CYS A 288 1.17 -17.81 -36.54
N SER A 289 0.95 -17.84 -37.85
CA SER A 289 1.67 -16.97 -38.77
C SER A 289 1.15 -15.53 -38.73
N LYS A 290 -0.05 -15.32 -38.17
CA LYS A 290 -0.55 -13.96 -37.91
C LYS A 290 0.34 -13.32 -36.85
N ASP A 291 0.59 -12.03 -36.98
CA ASP A 291 1.45 -11.36 -36.00
C ASP A 291 0.65 -10.85 -34.80
N ASN A 292 -0.66 -10.77 -34.96
CA ASN A 292 -1.56 -10.41 -33.87
C ASN A 292 -2.18 -11.65 -33.22
N TRP A 293 -1.76 -11.93 -31.99
CA TRP A 293 -2.21 -13.13 -31.29
C TRP A 293 -3.32 -12.88 -30.32
N GLU A 294 -3.82 -11.65 -30.28
CA GLU A 294 -4.98 -11.36 -29.46
C GLU A 294 -6.11 -12.36 -29.76
N GLY A 295 -6.55 -13.05 -28.72
CA GLY A 295 -7.67 -13.98 -28.82
C GLY A 295 -7.35 -15.31 -29.48
N ILE A 296 -6.07 -15.58 -29.75
CA ILE A 296 -5.69 -16.78 -30.52
C ILE A 296 -6.18 -18.09 -29.89
N ILE A 297 -6.29 -18.09 -28.56
CA ILE A 297 -6.75 -19.25 -27.82
C ILE A 297 -8.10 -19.75 -28.32
N THR A 298 -9.01 -18.83 -28.64
CA THR A 298 -10.33 -19.25 -29.11
C THR A 298 -10.40 -19.43 -30.61
N ARG A 299 -9.30 -19.19 -31.30
CA ARG A 299 -9.27 -19.56 -32.70
C ARG A 299 -8.71 -20.97 -32.87
N ILE A 300 -7.66 -21.32 -32.13
CA ILE A 300 -7.10 -22.67 -32.12
C ILE A 300 -7.99 -23.63 -31.30
N TRP A 301 -8.44 -23.17 -30.14
CA TRP A 301 -9.35 -23.94 -29.32
C TRP A 301 -10.66 -23.21 -29.12
N PRO A 302 -11.53 -23.26 -30.15
CA PRO A 302 -12.72 -22.41 -30.20
C PRO A 302 -13.86 -22.77 -29.22
N ASN A 303 -13.78 -23.94 -28.60
CA ASN A 303 -14.80 -24.34 -27.63
C ASN A 303 -14.37 -24.16 -26.17
N THR A 304 -13.20 -23.56 -25.97
CA THR A 304 -12.70 -23.27 -24.62
C THR A 304 -13.67 -22.36 -23.88
N LYS A 305 -14.08 -22.77 -22.68
CA LYS A 305 -15.07 -22.03 -21.91
C LYS A 305 -14.39 -21.14 -20.88
N TYR A 306 -13.26 -21.60 -20.37
CA TYR A 306 -12.51 -20.88 -19.35
C TYR A 306 -11.05 -21.31 -19.27
N LEU A 307 -10.25 -20.54 -18.53
CA LEU A 307 -8.85 -20.88 -18.27
C LEU A 307 -8.72 -21.26 -16.81
N ASP A 308 -8.18 -22.45 -16.58
CA ASP A 308 -8.04 -22.98 -15.23
C ASP A 308 -6.59 -22.80 -14.76
N VAL A 309 -6.38 -21.73 -14.01
CA VAL A 309 -5.03 -21.23 -13.77
C VAL A 309 -5.11 -20.34 -12.53
N ILE A 310 -4.18 -20.49 -11.60
CA ILE A 310 -4.10 -19.61 -10.44
C ILE A 310 -3.72 -18.18 -10.88
N VAL A 311 -4.63 -17.23 -10.68
CA VAL A 311 -4.32 -15.82 -10.88
C VAL A 311 -4.50 -14.97 -9.63
N THR A 312 -4.56 -15.63 -8.47
CA THR A 312 -4.62 -14.91 -7.21
C THR A 312 -3.22 -14.82 -6.66
N GLY A 313 -2.99 -13.96 -5.66
CA GLY A 313 -1.65 -13.75 -5.11
C GLY A 313 -0.69 -13.15 -6.13
N ALA A 314 0.55 -13.61 -6.13
CA ALA A 314 1.61 -13.09 -6.98
C ALA A 314 1.32 -13.25 -8.48
N MET A 315 0.41 -14.17 -8.80
CA MET A 315 0.07 -14.47 -10.19
C MET A 315 -0.93 -13.49 -10.80
N ALA A 316 -1.47 -12.60 -9.98
CA ALA A 316 -2.36 -11.53 -10.47
C ALA A 316 -1.74 -10.73 -11.60
N GLN A 317 -0.43 -10.53 -11.54
CA GLN A 317 0.32 -9.77 -12.53
C GLN A 317 0.08 -10.27 -13.95
N TYR A 318 -0.40 -11.50 -14.06
CA TYR A 318 -0.56 -12.16 -15.36
C TYR A 318 -1.91 -12.03 -16.02
N ILE A 319 -2.89 -11.50 -15.30
CA ILE A 319 -4.28 -11.41 -15.80
C ILE A 319 -4.45 -10.69 -17.16
N PRO A 320 -3.82 -9.51 -17.36
CA PRO A 320 -3.98 -8.86 -18.67
C PRO A 320 -3.39 -9.67 -19.84
N THR A 321 -2.20 -10.24 -19.67
CA THR A 321 -1.60 -11.08 -20.71
C THR A 321 -2.51 -12.27 -21.04
N LEU A 322 -3.11 -12.88 -20.02
CA LEU A 322 -4.06 -13.98 -20.22
C LEU A 322 -5.32 -13.54 -20.95
N ASP A 323 -5.87 -12.40 -20.55
CA ASP A 323 -7.05 -11.86 -21.21
C ASP A 323 -6.76 -11.53 -22.67
N TYR A 324 -5.54 -11.07 -22.92
CA TYR A 324 -5.09 -10.77 -24.27
C TYR A 324 -5.17 -11.99 -25.15
N TYR A 325 -4.52 -13.09 -24.75
CA TYR A 325 -4.49 -14.29 -25.59
C TYR A 325 -5.82 -15.03 -25.65
N SER A 326 -6.64 -14.87 -24.60
CA SER A 326 -7.90 -15.61 -24.51
C SER A 326 -9.13 -14.85 -25.03
N GLY A 327 -8.99 -13.53 -25.22
CA GLY A 327 -10.10 -12.67 -25.61
C GLY A 327 -11.08 -12.37 -24.48
N GLY A 328 -10.60 -12.41 -23.24
CA GLY A 328 -11.41 -12.08 -22.08
C GLY A 328 -12.22 -13.24 -21.51
N LEU A 329 -11.67 -14.45 -21.60
CA LEU A 329 -12.34 -15.66 -21.09
C LEU A 329 -12.22 -15.70 -19.57
N PRO A 330 -13.24 -16.26 -18.89
CA PRO A 330 -13.18 -16.35 -17.41
C PRO A 330 -11.96 -17.13 -16.91
N LEU A 331 -11.46 -16.74 -15.75
CA LEU A 331 -10.29 -17.34 -15.13
C LEU A 331 -10.71 -17.99 -13.83
N ALA A 332 -10.46 -19.29 -13.71
CA ALA A 332 -10.88 -20.02 -12.51
C ALA A 332 -9.68 -20.32 -11.65
N CYS A 333 -9.75 -19.90 -10.39
CA CYS A 333 -8.72 -20.24 -9.43
C CYS A 333 -9.34 -21.30 -8.53
N THR A 334 -8.83 -22.53 -8.60
CA THR A 334 -9.56 -23.68 -8.07
C THR A 334 -9.16 -24.10 -6.67
N MET A 335 -7.87 -23.98 -6.37
CA MET A 335 -7.33 -24.61 -5.17
C MET A 335 -6.30 -23.73 -4.49
N TYR A 336 -6.20 -23.91 -3.18
CA TYR A 336 -5.19 -23.23 -2.39
C TYR A 336 -4.44 -24.32 -1.63
N ALA A 337 -3.17 -24.51 -1.95
CA ALA A 337 -2.43 -25.66 -1.44
C ALA A 337 -0.93 -25.39 -1.31
N SER A 338 -0.22 -26.26 -0.61
CA SER A 338 1.20 -26.09 -0.40
C SER A 338 1.92 -27.41 -0.20
N SER A 339 3.24 -27.33 -0.05
CA SER A 339 4.07 -28.49 0.21
C SER A 339 3.79 -29.09 1.58
N GLU A 340 3.63 -28.20 2.57
CA GLU A 340 3.32 -28.57 3.95
C GLU A 340 1.99 -29.29 4.02
N CYS A 341 1.01 -28.77 3.28
CA CYS A 341 -0.37 -29.17 3.46
C CYS A 341 -1.22 -28.59 2.34
N TYR A 342 -2.09 -29.42 1.78
CA TYR A 342 -3.12 -28.96 0.87
C TYR A 342 -4.23 -28.31 1.72
N PHE A 343 -4.60 -27.08 1.40
CA PHE A 343 -5.37 -26.25 2.31
C PHE A 343 -6.87 -26.32 2.10
N GLY A 344 -7.31 -26.02 0.88
CA GLY A 344 -8.73 -26.01 0.54
C GLY A 344 -9.01 -25.57 -0.88
N LEU A 345 -10.27 -25.25 -1.15
CA LEU A 345 -10.73 -24.96 -2.51
C LEU A 345 -11.63 -23.74 -2.59
N ASN A 346 -11.85 -23.30 -3.82
CA ASN A 346 -12.69 -22.18 -4.12
C ASN A 346 -14.09 -22.71 -4.42
N LEU A 347 -15.03 -22.43 -3.52
CA LEU A 347 -16.43 -22.86 -3.68
C LEU A 347 -17.18 -22.11 -4.75
N ASN A 348 -16.60 -21.00 -5.21
CA ASN A 348 -17.14 -20.30 -6.38
C ASN A 348 -16.04 -20.03 -7.41
N PRO A 349 -15.75 -21.03 -8.27
CA PRO A 349 -14.67 -20.91 -9.26
C PRO A 349 -14.90 -19.85 -10.34
N MET A 350 -16.15 -19.42 -10.51
CA MET A 350 -16.48 -18.51 -11.59
C MET A 350 -16.49 -17.04 -11.17
N SER A 351 -16.06 -16.77 -9.95
CA SER A 351 -15.97 -15.39 -9.48
C SER A 351 -14.80 -14.63 -10.12
N LYS A 352 -14.88 -13.30 -10.07
CA LYS A 352 -13.83 -12.44 -10.61
C LYS A 352 -12.57 -12.65 -9.78
N PRO A 353 -11.39 -12.60 -10.43
CA PRO A 353 -10.09 -12.89 -9.80
C PRO A 353 -9.83 -12.09 -8.51
N SER A 354 -10.23 -10.82 -8.50
CA SER A 354 -10.00 -9.98 -7.33
C SER A 354 -10.95 -10.30 -6.18
N GLU A 355 -11.96 -11.14 -6.45
CA GLU A 355 -12.96 -11.51 -5.46
C GLU A 355 -12.96 -13.01 -5.17
N VAL A 356 -11.82 -13.67 -5.37
CA VAL A 356 -11.69 -15.09 -5.08
C VAL A 356 -11.46 -15.33 -3.59
N SER A 357 -12.31 -16.15 -2.99
CA SER A 357 -12.06 -16.64 -1.63
C SER A 357 -11.82 -18.14 -1.63
N TYR A 358 -10.94 -18.60 -0.73
CA TYR A 358 -10.66 -20.02 -0.56
C TYR A 358 -11.22 -20.55 0.75
N THR A 359 -11.91 -21.68 0.66
CA THR A 359 -12.49 -22.28 1.84
C THR A 359 -11.59 -23.41 2.32
N ILE A 360 -10.93 -23.20 3.45
CA ILE A 360 -10.01 -24.20 4.00
C ILE A 360 -10.84 -25.38 4.48
N MET A 361 -10.44 -26.59 4.06
CA MET A 361 -11.18 -27.81 4.35
C MET A 361 -10.70 -28.41 5.66
N PRO A 362 -11.59 -28.46 6.67
CA PRO A 362 -11.17 -28.76 8.04
C PRO A 362 -10.71 -30.19 8.29
N ASN A 363 -10.84 -31.07 7.29
CA ASN A 363 -10.29 -32.42 7.43
C ASN A 363 -8.78 -32.49 7.18
N MET A 364 -8.22 -31.44 6.57
CA MET A 364 -6.84 -31.50 6.05
C MET A 364 -5.77 -31.42 7.13
N ALA A 365 -6.02 -30.63 8.17
CA ALA A 365 -5.07 -30.48 9.25
C ALA A 365 -5.75 -29.71 10.35
N TYR A 366 -5.01 -29.42 11.40
CA TYR A 366 -5.49 -28.54 12.43
C TYR A 366 -4.98 -27.11 12.16
N PHE A 367 -5.91 -26.21 11.88
CA PHE A 367 -5.58 -24.83 11.48
C PHE A 367 -5.81 -23.84 12.59
N GLU A 368 -4.77 -23.07 12.89
CA GLU A 368 -4.86 -21.95 13.82
C GLU A 368 -4.43 -20.66 13.09
N PHE A 369 -4.77 -19.51 13.66
CA PHE A 369 -4.51 -18.23 13.02
C PHE A 369 -3.88 -17.19 13.95
N LEU A 370 -2.79 -16.59 13.50
CA LEU A 370 -2.09 -15.57 14.25
C LEU A 370 -2.47 -14.22 13.64
N PRO A 371 -3.15 -13.36 14.43
CA PRO A 371 -3.54 -12.06 13.89
C PRO A 371 -2.34 -11.35 13.29
N HIS A 372 -2.53 -10.83 12.08
CA HIS A 372 -1.48 -10.15 11.37
C HIS A 372 -0.72 -9.13 12.19
N GLU A 373 -1.44 -8.32 12.97
CA GLU A 373 -0.82 -7.22 13.70
C GLU A 373 0.10 -7.71 14.79
N HIS A 374 -0.02 -8.98 15.17
CA HIS A 374 0.89 -9.56 16.18
C HIS A 374 1.99 -10.42 15.59
N SER A 375 2.01 -10.59 14.27
CA SER A 375 2.86 -11.59 13.63
C SER A 375 4.32 -11.18 13.42
N SER A 376 4.64 -9.92 13.68
CA SER A 376 6.02 -9.47 13.41
C SER A 376 6.85 -9.25 14.67
N ILE A 377 6.37 -9.76 15.80
CA ILE A 377 7.09 -9.69 17.06
C ILE A 377 7.33 -11.12 17.55
N PRO A 378 8.57 -11.43 18.02
CA PRO A 378 8.89 -12.81 18.41
C PRO A 378 7.88 -13.38 19.41
N LEU A 379 7.43 -14.61 19.16
CA LEU A 379 6.53 -15.30 20.07
C LEU A 379 7.32 -16.01 21.15
N SER A 380 6.68 -16.20 22.30
CA SER A 380 7.31 -16.86 23.43
C SER A 380 7.18 -18.38 23.34
N ARG A 381 8.29 -19.07 23.59
CA ARG A 381 8.31 -20.54 23.60
C ARG A 381 7.72 -21.15 24.88
N ASP A 382 8.04 -20.56 26.03
CA ASP A 382 7.58 -21.04 27.34
C ASP A 382 6.12 -20.69 27.63
N SER A 383 5.64 -19.61 27.00
N SER A 383 5.64 -19.61 26.99
CA SER A 383 4.24 -19.22 27.08
CA SER A 383 4.25 -19.18 27.08
C SER A 383 3.73 -18.87 25.68
C SER A 383 3.73 -18.86 25.67
N PRO A 384 3.33 -19.90 24.90
CA PRO A 384 2.89 -19.69 23.51
C PRO A 384 1.53 -19.02 23.43
N PRO A 385 1.26 -18.30 22.33
CA PRO A 385 -0.06 -17.67 22.20
C PRO A 385 -1.14 -18.72 22.01
N ARG A 386 -2.37 -18.36 22.36
CA ARG A 386 -3.52 -19.23 22.19
C ARG A 386 -3.81 -19.40 20.71
N LEU A 387 -3.60 -18.32 19.94
CA LEU A 387 -4.05 -18.23 18.54
C LEU A 387 -5.57 -18.25 18.45
N VAL A 388 -6.09 -18.19 17.22
CA VAL A 388 -7.52 -18.20 16.96
C VAL A 388 -7.87 -19.45 16.12
N ASP A 389 -8.87 -20.21 16.54
CA ASP A 389 -9.25 -21.43 15.82
C ASP A 389 -9.95 -21.14 14.51
N LEU A 390 -9.87 -22.08 13.57
CA LEU A 390 -10.50 -21.95 12.26
C LEU A 390 -11.92 -21.38 12.37
N ALA A 391 -12.70 -21.88 13.32
CA ALA A 391 -14.11 -21.53 13.43
C ALA A 391 -14.34 -20.13 14.01
N HIS A 392 -13.30 -19.53 14.57
CA HIS A 392 -13.42 -18.32 15.37
C HIS A 392 -12.76 -17.10 14.79
N VAL A 393 -12.30 -17.20 13.55
CA VAL A 393 -11.75 -16.03 12.87
C VAL A 393 -12.88 -15.03 12.58
N GLU A 394 -12.52 -13.76 12.45
CA GLU A 394 -13.51 -12.71 12.25
C GLU A 394 -13.45 -12.14 10.84
N VAL A 395 -14.63 -11.97 10.23
CA VAL A 395 -14.76 -11.39 8.89
C VAL A 395 -14.02 -10.05 8.83
N GLY A 396 -13.24 -9.85 7.78
CA GLY A 396 -12.52 -8.61 7.57
C GLY A 396 -11.16 -8.57 8.21
N LYS A 397 -10.87 -9.53 9.09
CA LYS A 397 -9.56 -9.57 9.77
C LYS A 397 -8.46 -10.33 9.00
N GLU A 398 -7.20 -9.98 9.25
CA GLU A 398 -6.04 -10.59 8.59
C GLU A 398 -5.21 -11.47 9.52
N TYR A 399 -4.77 -12.62 9.00
CA TYR A 399 -4.09 -13.62 9.82
C TYR A 399 -2.94 -14.29 9.09
N GLU A 400 -1.91 -14.63 9.86
CA GLU A 400 -0.89 -15.57 9.42
C GLU A 400 -1.41 -16.99 9.63
N LEU A 401 -1.41 -17.80 8.58
CA LEU A 401 -1.83 -19.20 8.63
C LEU A 401 -0.87 -20.05 9.45
N VAL A 402 -1.40 -20.79 10.42
CA VAL A 402 -0.60 -21.68 11.27
C VAL A 402 -1.17 -23.11 11.18
N ILE A 403 -0.29 -24.11 10.98
CA ILE A 403 -0.77 -25.46 10.74
C ILE A 403 -0.15 -26.55 11.64
N THR A 404 -0.99 -27.56 11.93
CA THR A 404 -0.56 -28.81 12.56
C THR A 404 -1.04 -29.96 11.70
N THR A 405 -0.07 -30.69 11.15
CA THR A 405 -0.32 -31.72 10.14
C THR A 405 -0.10 -33.12 10.71
N TYR A 406 -0.55 -34.14 10.00
CA TYR A 406 -0.32 -35.53 10.43
C TYR A 406 1.17 -35.94 10.36
N ALA A 407 1.94 -35.24 9.54
CA ALA A 407 3.35 -35.57 9.31
C ALA A 407 4.34 -35.01 10.35
N GLY A 408 3.86 -34.27 11.32
CA GLY A 408 4.76 -33.80 12.36
C GLY A 408 5.12 -32.33 12.32
N LEU A 409 4.36 -31.56 11.56
CA LEU A 409 4.42 -30.11 11.69
C LEU A 409 3.43 -29.71 12.79
N TYR A 410 3.96 -29.19 13.88
CA TYR A 410 3.16 -28.75 15.01
C TYR A 410 3.21 -27.23 15.13
N ARG A 411 2.04 -26.60 14.97
CA ARG A 411 1.87 -25.15 15.08
C ARG A 411 2.89 -24.43 14.20
N TYR A 412 2.95 -24.87 12.94
CA TYR A 412 3.94 -24.40 11.98
C TYR A 412 3.38 -23.21 11.21
N ARG A 413 4.10 -22.10 11.29
CA ARG A 413 3.75 -20.89 10.57
C ARG A 413 4.12 -21.01 9.11
N VAL A 414 3.11 -21.05 8.26
CA VAL A 414 3.28 -21.11 6.81
C VAL A 414 3.94 -19.86 6.20
N GLY A 415 3.59 -18.68 6.70
CA GLY A 415 4.09 -17.40 6.17
C GLY A 415 3.07 -16.67 5.30
N ASP A 416 1.93 -17.30 5.09
CA ASP A 416 0.84 -16.76 4.29
C ASP A 416 -0.07 -15.84 5.11
N ILE A 417 -0.32 -14.63 4.60
CA ILE A 417 -1.31 -13.69 5.17
C ILE A 417 -2.68 -13.92 4.53
N LEU A 418 -3.72 -14.09 5.33
CA LEU A 418 -5.04 -14.31 4.75
C LEU A 418 -6.05 -13.35 5.36
N ARG A 419 -7.03 -12.96 4.54
CA ARG A 419 -8.10 -12.08 4.99
CA ARG A 419 -8.11 -12.08 5.00
C ARG A 419 -9.44 -12.81 4.91
N VAL A 420 -10.13 -12.91 6.04
CA VAL A 420 -11.44 -13.58 6.08
C VAL A 420 -12.46 -12.71 5.36
N THR A 421 -13.15 -13.29 4.37
CA THR A 421 -14.15 -12.52 3.62
C THR A 421 -15.60 -12.93 3.91
N GLY A 422 -15.77 -13.98 4.69
CA GLY A 422 -17.11 -14.56 4.88
C GLY A 422 -16.99 -15.98 5.39
N PHE A 423 -18.11 -16.69 5.42
CA PHE A 423 -18.19 -18.06 5.91
C PHE A 423 -19.11 -18.87 5.03
N HIS A 424 -18.78 -20.14 4.87
CA HIS A 424 -19.66 -21.09 4.22
C HIS A 424 -20.01 -22.09 5.27
N ASN A 425 -21.28 -22.12 5.66
CA ASN A 425 -21.72 -22.69 6.93
C ASN A 425 -20.81 -22.16 8.01
N SER A 426 -20.20 -23.04 8.80
CA SER A 426 -19.27 -22.62 9.84
C SER A 426 -17.81 -22.47 9.39
N ALA A 427 -17.50 -22.76 8.13
CA ALA A 427 -16.09 -22.69 7.66
C ALA A 427 -15.74 -21.32 7.05
N PRO A 428 -14.68 -20.66 7.53
CA PRO A 428 -14.26 -19.37 6.98
C PRO A 428 -13.75 -19.45 5.56
N GLN A 429 -13.86 -18.33 4.85
CA GLN A 429 -13.40 -18.22 3.49
C GLN A 429 -12.35 -17.12 3.49
N PHE A 430 -11.29 -17.35 2.71
CA PHE A 430 -10.12 -16.50 2.80
C PHE A 430 -9.72 -15.92 1.46
N HIS A 431 -9.51 -14.61 1.46
CA HIS A 431 -8.86 -13.92 0.37
C HIS A 431 -7.37 -14.02 0.59
N PHE A 432 -6.65 -14.45 -0.44
CA PHE A 432 -5.20 -14.63 -0.26
C PHE A 432 -4.56 -13.25 -0.37
N VAL A 433 -3.91 -12.79 0.70
CA VAL A 433 -3.22 -11.51 0.64
C VAL A 433 -1.80 -11.68 0.05
N ARG A 434 -0.95 -12.44 0.74
CA ARG A 434 0.40 -12.66 0.24
C ARG A 434 1.20 -13.64 1.08
N ARG A 435 2.29 -14.13 0.50
CA ARG A 435 3.30 -14.82 1.28
C ARG A 435 4.21 -13.76 1.88
N LYS A 436 4.45 -13.83 3.18
CA LYS A 436 5.28 -12.83 3.84
C LYS A 436 6.63 -12.59 3.19
N ASN A 437 7.02 -11.33 3.15
N ASN A 437 7.04 -11.33 3.16
CA ASN A 437 8.35 -10.89 2.69
CA ASN A 437 8.36 -10.88 2.68
C ASN A 437 8.79 -11.34 1.30
C ASN A 437 8.80 -11.35 1.30
N VAL A 438 7.85 -11.57 0.38
CA VAL A 438 8.22 -11.91 -1.00
C VAL A 438 8.24 -10.64 -1.86
N LEU A 439 9.43 -10.22 -2.30
CA LEU A 439 9.54 -9.04 -3.16
C LEU A 439 9.29 -9.33 -4.62
N LEU A 440 10.04 -10.28 -5.18
CA LEU A 440 9.97 -10.60 -6.60
C LEU A 440 9.58 -12.05 -6.85
N SER A 441 8.75 -12.27 -7.86
CA SER A 441 8.43 -13.61 -8.29
C SER A 441 7.93 -13.59 -9.73
N ILE A 442 8.39 -14.54 -10.53
CA ILE A 442 7.95 -14.67 -11.92
C ILE A 442 7.07 -15.91 -12.02
N ASP A 443 7.60 -17.03 -11.57
CA ASP A 443 6.92 -18.32 -11.61
C ASP A 443 6.80 -18.84 -10.16
N SER A 444 7.46 -19.94 -9.83
N SER A 444 7.47 -19.94 -9.83
CA SER A 444 7.43 -20.46 -8.46
CA SER A 444 7.45 -20.48 -8.47
C SER A 444 8.51 -19.83 -7.60
C SER A 444 8.52 -19.84 -7.60
N ASP A 445 9.40 -19.06 -8.23
CA ASP A 445 10.50 -18.39 -7.54
C ASP A 445 9.96 -17.33 -6.60
N LYS A 446 10.58 -17.20 -5.43
CA LYS A 446 10.18 -16.22 -4.42
C LYS A 446 11.44 -15.60 -3.84
N THR A 447 11.74 -14.36 -4.24
CA THR A 447 12.94 -13.68 -3.79
C THR A 447 12.56 -12.57 -2.83
N ASP A 448 13.24 -12.54 -1.68
CA ASP A 448 12.94 -11.55 -0.65
C ASP A 448 13.94 -10.39 -0.58
N GLU A 449 13.65 -9.39 0.25
CA GLU A 449 14.47 -8.19 0.39
C GLU A 449 15.93 -8.51 0.69
N ALA A 450 16.15 -9.38 1.67
CA ALA A 450 17.48 -9.77 2.10
C ALA A 450 18.30 -10.46 1.00
N GLU A 451 17.65 -11.34 0.24
CA GLU A 451 18.34 -12.06 -0.83
C GLU A 451 18.74 -11.11 -1.92
N LEU A 452 17.85 -10.16 -2.21
CA LEU A 452 18.06 -9.18 -3.25
C LEU A 452 19.18 -8.23 -2.86
N GLN A 453 19.15 -7.76 -1.62
CA GLN A 453 20.20 -6.89 -1.09
C GLN A 453 21.57 -7.55 -1.20
N LYS A 454 21.69 -8.78 -0.70
CA LYS A 454 22.96 -9.49 -0.75
C LYS A 454 23.38 -9.77 -2.19
N ALA A 455 22.39 -9.88 -3.07
CA ALA A 455 22.64 -10.05 -4.49
C ALA A 455 23.22 -8.80 -5.13
N VAL A 456 22.75 -7.63 -4.70
CA VAL A 456 23.29 -6.35 -5.20
C VAL A 456 24.73 -6.15 -4.74
N ASP A 457 24.97 -6.41 -3.46
CA ASP A 457 26.30 -6.29 -2.85
C ASP A 457 27.34 -7.15 -3.55
N ASN A 458 26.93 -8.35 -3.93
CA ASN A 458 27.80 -9.29 -4.63
C ASN A 458 28.22 -8.80 -6.02
N ALA A 459 27.25 -8.27 -6.77
CA ALA A 459 27.53 -7.78 -8.12
C ALA A 459 28.27 -6.45 -8.10
N SER A 460 28.07 -5.65 -7.05
CA SER A 460 28.68 -4.32 -6.92
C SER A 460 30.19 -4.38 -6.66
N LYS A 461 30.63 -5.44 -5.98
CA LYS A 461 32.05 -5.65 -5.72
C LYS A 461 32.81 -5.94 -7.01
N LEU A 462 32.12 -6.52 -7.99
CA LEU A 462 32.69 -6.77 -9.31
C LEU A 462 32.97 -5.47 -10.07
N LEU A 463 32.45 -4.35 -9.54
CA LEU A 463 32.65 -3.01 -10.13
C LEU A 463 33.92 -2.32 -9.65
N ARG A 464 34.70 -3.00 -8.81
CA ARG A 464 35.93 -2.41 -8.24
C ARG A 464 37.06 -2.25 -9.27
N GLU A 465 37.00 -3.04 -10.34
CA GLU A 465 37.92 -2.91 -11.50
C GLU A 465 37.88 -1.52 -12.15
N VAL A 466 36.89 -0.71 -11.78
CA VAL A 466 36.84 0.73 -12.07
C VAL A 466 36.53 1.40 -10.72
N ASN A 467 36.42 2.72 -10.70
CA ASN A 467 36.09 3.45 -9.47
C ASN A 467 34.59 3.49 -9.17
N THR A 468 33.83 2.61 -9.81
CA THR A 468 32.36 2.64 -9.79
C THR A 468 31.74 1.92 -8.58
N SER A 469 30.71 2.55 -8.00
CA SER A 469 29.90 1.96 -6.93
C SER A 469 28.42 2.16 -7.27
N VAL A 470 27.54 1.42 -6.58
CA VAL A 470 26.10 1.55 -6.78
C VAL A 470 25.50 2.50 -5.74
N VAL A 471 25.13 3.69 -6.19
CA VAL A 471 24.54 4.70 -5.31
C VAL A 471 23.10 4.36 -4.89
N GLU A 472 22.35 3.72 -5.80
CA GLU A 472 20.96 3.34 -5.53
C GLU A 472 20.42 2.21 -6.40
N TYR A 473 19.41 1.50 -5.89
CA TYR A 473 18.71 0.45 -6.65
C TYR A 473 17.25 0.25 -6.26
N THR A 474 16.46 -0.15 -7.26
CA THR A 474 15.11 -0.70 -7.05
C THR A 474 14.86 -1.82 -8.07
N SER A 475 13.72 -2.51 -7.94
CA SER A 475 13.41 -3.66 -8.79
C SER A 475 11.93 -3.77 -9.15
N PHE A 476 11.64 -4.54 -10.20
CA PHE A 476 10.30 -5.06 -10.45
C PHE A 476 10.35 -6.34 -11.27
N ALA A 477 9.28 -7.11 -11.19
CA ALA A 477 9.13 -8.32 -11.97
C ALA A 477 8.50 -7.97 -13.31
N ASP A 478 9.26 -8.11 -14.39
CA ASP A 478 8.78 -7.70 -15.70
C ASP A 478 8.10 -8.83 -16.45
N THR A 479 6.86 -8.57 -16.84
CA THR A 479 6.03 -9.56 -17.50
C THR A 479 5.59 -9.11 -18.90
N LYS A 480 6.36 -8.23 -19.54
CA LYS A 480 6.07 -7.86 -20.92
C LYS A 480 6.51 -9.00 -21.81
N THR A 481 7.60 -9.64 -21.41
CA THR A 481 8.20 -10.77 -22.09
C THR A 481 7.75 -12.09 -21.42
N ILE A 482 7.58 -13.15 -22.23
CA ILE A 482 7.43 -14.52 -21.72
C ILE A 482 8.63 -15.41 -22.09
N PRO A 483 9.31 -15.99 -21.09
CA PRO A 483 9.06 -15.90 -19.64
C PRO A 483 9.37 -14.51 -19.09
N GLY A 484 8.82 -14.19 -17.93
CA GLY A 484 9.09 -12.92 -17.27
C GLY A 484 10.52 -12.88 -16.77
N HIS A 485 10.95 -11.72 -16.28
CA HIS A 485 12.28 -11.61 -15.68
C HIS A 485 12.39 -10.48 -14.72
N TYR A 486 13.35 -10.60 -13.81
CA TYR A 486 13.65 -9.57 -12.83
C TYR A 486 14.36 -8.41 -13.50
N VAL A 487 13.88 -7.20 -13.25
CA VAL A 487 14.56 -6.00 -13.72
C VAL A 487 15.05 -5.21 -12.53
N ILE A 488 16.36 -4.95 -12.49
CA ILE A 488 16.93 -4.14 -11.43
C ILE A 488 17.48 -2.81 -11.95
N TYR A 489 17.02 -1.73 -11.31
CA TYR A 489 17.40 -0.36 -11.67
C TYR A 489 18.60 0.06 -10.85
N TRP A 490 19.67 0.46 -11.55
CA TRP A 490 20.95 0.80 -10.92
C TRP A 490 21.34 2.24 -11.19
N GLU A 491 21.45 3.03 -10.12
CA GLU A 491 22.12 4.33 -10.20
C GLU A 491 23.60 4.14 -9.81
N LEU A 492 24.50 4.53 -10.71
CA LEU A 492 25.93 4.35 -10.51
C LEU A 492 26.66 5.62 -10.05
N LEU A 493 27.92 5.45 -9.63
CA LEU A 493 28.81 6.54 -9.23
C LEU A 493 30.21 6.28 -9.78
N VAL A 494 30.54 6.92 -10.91
CA VAL A 494 31.81 6.67 -11.59
C VAL A 494 32.82 7.80 -11.34
N LYS A 495 33.83 7.51 -10.52
CA LYS A 495 34.86 8.50 -10.18
C LYS A 495 35.61 9.03 -11.40
N ASP A 496 35.83 8.17 -12.39
CA ASP A 496 36.55 8.54 -13.60
C ASP A 496 35.77 8.15 -14.85
N SER A 497 35.02 9.12 -15.39
CA SER A 497 34.17 8.94 -16.58
C SER A 497 34.88 8.21 -17.73
N ALA A 498 36.19 8.44 -17.84
CA ALA A 498 37.02 7.81 -18.85
C ALA A 498 37.12 6.30 -18.65
N ASN A 499 37.09 5.88 -17.39
CA ASN A 499 37.11 4.46 -17.05
C ASN A 499 35.77 3.97 -16.51
N SER A 500 34.71 4.17 -17.31
CA SER A 500 33.37 3.72 -16.94
C SER A 500 33.21 2.22 -17.26
N PRO A 501 32.23 1.54 -16.62
CA PRO A 501 32.05 0.09 -16.82
C PRO A 501 31.26 -0.23 -18.08
N SER A 502 31.73 -1.21 -18.84
CA SER A 502 31.18 -1.52 -20.16
C SER A 502 29.99 -2.49 -20.15
N ASP A 503 29.31 -2.60 -21.29
CA ASP A 503 28.22 -3.56 -21.50
C ASP A 503 28.64 -4.99 -21.14
N GLU A 504 29.87 -5.35 -21.49
CA GLU A 504 30.44 -6.67 -21.18
C GLU A 504 30.57 -6.93 -19.67
N LEU A 505 30.95 -5.90 -18.91
CA LEU A 505 31.10 -6.03 -17.46
C LEU A 505 29.77 -6.00 -16.73
N LEU A 506 28.85 -5.15 -17.20
CA LEU A 506 27.55 -5.00 -16.55
C LEU A 506 26.68 -6.22 -16.79
N GLY A 507 26.98 -6.96 -17.87
CA GLY A 507 26.38 -8.26 -18.13
C GLY A 507 26.86 -9.29 -17.11
N GLN A 508 28.14 -9.22 -16.77
CA GLN A 508 28.73 -10.05 -15.71
C GLN A 508 28.21 -9.64 -14.32
N CYS A 509 27.75 -8.40 -14.20
CA CYS A 509 27.07 -7.96 -12.99
C CYS A 509 25.69 -8.60 -12.85
N CYS A 510 25.01 -8.76 -13.99
CA CYS A 510 23.74 -9.47 -14.04
C CYS A 510 23.90 -10.92 -13.59
N LEU A 511 24.78 -11.66 -14.27
CA LEU A 511 25.05 -13.06 -13.93
C LEU A 511 25.48 -13.30 -12.48
N ALA A 512 26.24 -12.37 -11.90
CA ALA A 512 26.62 -12.45 -10.48
C ALA A 512 25.42 -12.31 -9.55
N MET A 513 24.48 -11.46 -9.94
CA MET A 513 23.25 -11.28 -9.19
C MET A 513 22.43 -12.57 -9.19
N GLU A 514 22.30 -13.19 -10.37
CA GLU A 514 21.58 -14.45 -10.53
C GLU A 514 22.21 -15.56 -9.72
N GLU A 515 23.53 -15.63 -9.75
CA GLU A 515 24.31 -16.61 -9.02
C GLU A 515 24.04 -16.52 -7.52
N SER A 516 23.62 -15.34 -7.10
CA SER A 516 23.43 -15.02 -5.70
C SER A 516 22.01 -15.39 -5.19
N LEU A 517 21.08 -15.58 -6.12
CA LEU A 517 19.66 -15.80 -5.81
C LEU A 517 19.35 -17.26 -5.47
N ASN A 518 18.14 -17.52 -5.00
CA ASN A 518 17.85 -18.83 -4.42
C ASN A 518 17.72 -19.96 -5.45
N SER A 519 17.74 -21.18 -4.92
CA SER A 519 17.69 -22.42 -5.69
C SER A 519 16.60 -22.44 -6.75
N VAL A 520 15.43 -21.94 -6.39
CA VAL A 520 14.24 -22.00 -7.24
C VAL A 520 14.33 -21.03 -8.40
N TYR A 521 14.90 -19.85 -8.12
CA TYR A 521 15.21 -18.89 -9.16
C TYR A 521 16.17 -19.53 -10.18
N ARG A 522 17.30 -20.04 -9.68
CA ARG A 522 18.37 -20.57 -10.56
C ARG A 522 17.84 -21.77 -11.38
N GLN A 523 16.98 -22.57 -10.75
CA GLN A 523 16.30 -23.67 -11.42
C GLN A 523 15.37 -23.22 -12.56
N GLY A 524 14.56 -22.19 -12.33
CA GLY A 524 13.71 -21.62 -13.38
C GLY A 524 14.48 -21.10 -14.61
N ARG A 525 15.70 -20.64 -14.36
CA ARG A 525 16.62 -20.25 -15.43
C ARG A 525 17.17 -21.47 -16.15
N VAL A 526 17.65 -22.45 -15.37
CA VAL A 526 18.34 -23.62 -15.92
C VAL A 526 17.41 -24.72 -16.44
N ALA A 527 16.55 -25.25 -15.58
CA ALA A 527 15.78 -26.48 -15.88
C ALA A 527 14.67 -26.37 -16.93
N ASP A 528 13.77 -25.41 -16.76
CA ASP A 528 12.57 -25.41 -17.59
C ASP A 528 12.23 -24.11 -18.34
N ASN A 529 13.17 -23.14 -18.33
CA ASN A 529 12.99 -21.89 -19.09
C ASN A 529 11.77 -21.09 -18.60
N SER A 530 11.58 -21.03 -17.29
CA SER A 530 10.38 -20.41 -16.72
C SER A 530 10.67 -19.02 -16.15
N ILE A 531 11.94 -18.66 -16.18
CA ILE A 531 12.41 -17.34 -15.82
C ILE A 531 13.42 -16.89 -16.87
N GLY A 532 13.20 -15.71 -17.43
CA GLY A 532 14.14 -15.10 -18.36
C GLY A 532 15.33 -14.47 -17.64
N PRO A 533 16.35 -14.05 -18.43
CA PRO A 533 17.59 -13.46 -17.91
C PRO A 533 17.34 -12.16 -17.17
N LEU A 534 17.98 -12.04 -16.01
CA LEU A 534 17.87 -10.86 -15.16
C LEU A 534 18.44 -9.65 -15.90
N GLU A 535 17.77 -8.50 -15.74
CA GLU A 535 18.12 -7.31 -16.47
C GLU A 535 18.47 -6.19 -15.52
N ILE A 536 19.62 -5.56 -15.77
CA ILE A 536 20.01 -4.37 -15.03
C ILE A 536 19.86 -3.17 -15.95
N ARG A 537 19.10 -2.18 -15.47
CA ARG A 537 18.89 -0.94 -16.19
C ARG A 537 19.64 0.18 -15.49
N VAL A 538 20.70 0.66 -16.14
CA VAL A 538 21.50 1.75 -15.61
C VAL A 538 20.78 3.08 -15.84
N VAL A 539 20.47 3.78 -14.76
CA VAL A 539 19.85 5.09 -14.86
C VAL A 539 20.90 6.20 -14.76
N LYS A 540 20.67 7.29 -15.51
CA LYS A 540 21.52 8.49 -15.47
C LYS A 540 21.72 8.98 -14.03
N SER A 541 22.85 9.64 -13.78
CA SER A 541 23.18 10.06 -12.42
C SER A 541 22.12 11.01 -11.83
N GLY A 542 21.77 10.78 -10.56
CA GLY A 542 20.81 11.63 -9.85
C GLY A 542 19.33 11.30 -10.03
N THR A 543 19.06 10.17 -10.68
CA THR A 543 17.68 9.78 -11.05
C THR A 543 16.72 9.54 -9.86
N PHE A 544 17.24 8.96 -8.78
CA PHE A 544 16.36 8.49 -7.69
C PHE A 544 15.63 9.55 -6.87
N GLU A 545 16.30 10.66 -6.62
CA GLU A 545 15.82 11.73 -5.71
C GLU A 545 14.31 12.06 -5.83
N GLU A 546 13.88 12.29 -7.07
CA GLU A 546 12.49 12.62 -7.40
C GLU A 546 11.52 11.47 -7.12
N VAL A 563 10.66 3.35 -0.73
CA VAL A 563 10.79 3.66 -2.16
C VAL A 563 11.50 2.52 -2.95
N PRO A 564 12.57 1.91 -2.39
CA PRO A 564 13.04 0.59 -2.85
C PRO A 564 12.63 -0.54 -1.86
N ARG A 565 13.15 -1.77 -2.00
CA ARG A 565 14.05 -2.20 -3.07
C ARG A 565 13.29 -2.76 -4.27
N CYS A 566 11.96 -2.70 -4.18
CA CYS A 566 11.10 -3.01 -5.32
C CYS A 566 10.11 -1.88 -5.59
N VAL A 567 9.60 -1.84 -6.83
CA VAL A 567 8.67 -0.81 -7.27
C VAL A 567 7.31 -0.92 -6.53
N ASN A 568 6.81 -2.14 -6.38
CA ASN A 568 5.62 -2.39 -5.56
C ASN A 568 5.97 -2.28 -4.04
N PRO A 571 2.13 4.41 -14.54
CA PRO A 571 2.57 3.89 -13.26
C PRO A 571 3.81 4.65 -12.77
N ILE A 572 4.88 3.91 -12.47
CA ILE A 572 6.12 4.51 -11.98
C ILE A 572 7.33 4.10 -12.83
N MET A 573 7.32 2.86 -13.32
CA MET A 573 8.44 2.34 -14.12
C MET A 573 8.72 3.17 -15.38
N GLU A 574 7.66 3.65 -16.03
CA GLU A 574 7.81 4.54 -17.19
C GLU A 574 8.66 5.76 -16.85
N LEU A 575 8.41 6.34 -15.67
CA LEU A 575 9.20 7.46 -15.16
C LEU A 575 10.67 7.06 -15.02
N LEU A 576 10.92 5.86 -14.48
CA LEU A 576 12.28 5.35 -14.37
C LEU A 576 12.90 5.02 -15.71
N ASP A 577 12.09 4.46 -16.61
CA ASP A 577 12.57 4.05 -17.94
C ASP A 577 13.01 5.23 -18.79
N SER A 578 12.31 6.36 -18.63
CA SER A 578 12.63 7.61 -19.32
C SER A 578 14.05 8.07 -19.05
N ARG A 579 14.57 7.68 -17.88
CA ARG A 579 15.92 8.06 -17.42
C ARG A 579 16.95 6.93 -17.58
N VAL A 580 16.63 5.93 -18.38
CA VAL A 580 17.53 4.78 -18.55
C VAL A 580 18.61 5.07 -19.58
N VAL A 581 19.86 4.99 -19.16
CA VAL A 581 21.00 5.18 -20.06
C VAL A 581 21.25 3.92 -20.88
N SER A 582 21.34 2.78 -20.19
CA SER A 582 21.62 1.50 -20.83
C SER A 582 20.94 0.36 -20.07
N SER A 583 20.67 -0.73 -20.78
CA SER A 583 20.11 -1.91 -20.15
C SER A 583 20.94 -3.14 -20.50
N HIS A 584 21.16 -3.99 -19.51
CA HIS A 584 22.05 -5.14 -19.68
C HIS A 584 21.40 -6.40 -19.22
N PHE A 585 21.51 -7.44 -20.04
CA PHE A 585 20.92 -8.73 -19.74
C PHE A 585 22.01 -9.73 -19.39
N SER A 586 21.74 -10.59 -18.41
CA SER A 586 22.64 -11.67 -18.04
C SER A 586 22.88 -12.57 -19.24
N PRO A 587 24.17 -12.75 -19.62
CA PRO A 587 24.56 -13.41 -20.87
C PRO A 587 24.43 -14.93 -20.84
N ALA A 588 24.62 -15.54 -19.67
CA ALA A 588 24.66 -16.99 -19.51
C ALA A 588 23.71 -17.47 -18.40
N LEU A 589 23.57 -18.79 -18.29
CA LEU A 589 22.79 -19.43 -17.22
C LEU A 589 23.60 -19.44 -15.92
N PRO A 590 22.94 -19.18 -14.77
CA PRO A 590 23.61 -19.31 -13.48
C PRO A 590 23.75 -20.80 -13.11
N HIS A 591 24.48 -21.11 -12.05
CA HIS A 591 24.66 -22.51 -11.64
C HIS A 591 23.41 -23.05 -10.99
N TRP A 592 22.98 -24.24 -11.44
CA TRP A 592 21.99 -25.03 -10.71
C TRP A 592 22.04 -26.50 -11.00
N THR A 593 22.12 -27.29 -9.94
CA THR A 593 21.80 -28.73 -10.00
C THR A 593 20.78 -29.10 -8.92
N PRO A 594 20.11 -30.26 -9.09
CA PRO A 594 19.16 -30.81 -8.12
C PRO A 594 19.75 -31.04 -6.73
N ALA A 595 21.05 -31.29 -6.67
CA ALA A 595 21.76 -31.56 -5.42
C ALA A 595 21.68 -30.39 -4.45
N ARG A 596 21.52 -30.71 -3.16
CA ARG A 596 21.42 -29.72 -2.11
C ARG A 596 22.78 -29.42 -1.50
N ARG A 597 22.91 -28.26 -0.87
CA ARG A 597 24.16 -27.90 -0.18
C ARG A 597 24.20 -28.53 1.21
N SER B 16 23.46 33.90 21.85
CA SER B 16 22.35 34.40 22.72
C SER B 16 22.05 33.42 23.85
N GLU B 17 21.68 33.95 25.01
CA GLU B 17 21.32 33.14 26.17
C GLU B 17 20.01 32.38 25.93
N LYS B 18 19.03 33.07 25.36
CA LYS B 18 17.73 32.49 25.07
C LYS B 18 17.86 31.40 24.01
N ASP B 19 18.67 31.66 22.98
CA ASP B 19 18.97 30.66 21.96
C ASP B 19 19.65 29.41 22.53
N ALA B 20 20.61 29.62 23.43
CA ALA B 20 21.33 28.53 24.08
C ALA B 20 20.38 27.62 24.85
N LYS B 21 19.48 28.21 25.64
CA LYS B 21 18.45 27.45 26.36
C LYS B 21 17.67 26.53 25.41
N ALA B 22 17.21 27.07 24.28
CA ALA B 22 16.40 26.33 23.33
C ALA B 22 17.15 25.16 22.72
N LEU B 23 18.40 25.40 22.34
CA LEU B 23 19.21 24.36 21.70
C LEU B 23 19.64 23.31 22.72
N GLN B 24 19.88 23.71 23.96
CA GLN B 24 20.22 22.76 25.01
C GLN B 24 19.02 21.85 25.32
N PHE B 25 17.81 22.39 25.17
CA PHE B 25 16.58 21.63 25.36
C PHE B 25 16.43 20.58 24.24
N ILE B 26 16.58 21.01 22.99
CA ILE B 26 16.54 20.07 21.88
C ILE B 26 17.57 18.96 22.08
N GLU B 27 18.79 19.35 22.48
CA GLU B 27 19.86 18.39 22.76
C GLU B 27 19.47 17.39 23.88
N GLU B 28 19.05 17.92 25.04
CA GLU B 28 18.63 17.08 26.17
C GLU B 28 17.48 16.12 25.83
N MET B 29 16.42 16.63 25.21
CA MET B 29 15.28 15.80 24.85
C MET B 29 15.67 14.71 23.85
N THR B 30 16.46 15.06 22.85
CA THR B 30 16.84 14.07 21.84
C THR B 30 17.84 13.03 22.35
N ARG B 31 18.72 13.43 23.26
CA ARG B 31 19.66 12.49 23.87
C ARG B 31 18.95 11.47 24.77
N ASN B 32 17.92 11.92 25.50
CA ASN B 32 17.17 11.06 26.41
C ASN B 32 15.76 10.70 25.93
N ALA B 33 15.58 10.60 24.61
CA ALA B 33 14.26 10.44 23.99
C ALA B 33 13.40 9.37 24.66
N ASP B 34 13.94 8.16 24.80
CA ASP B 34 13.18 7.07 25.40
C ASP B 34 12.86 7.30 26.87
N SER B 35 13.82 7.83 27.61
CA SER B 35 13.63 8.10 29.03
C SER B 35 12.60 9.23 29.24
N VAL B 36 12.58 10.20 28.33
CA VAL B 36 11.60 11.28 28.35
C VAL B 36 10.20 10.74 28.01
N GLN B 37 10.13 9.92 26.95
CA GLN B 37 8.89 9.21 26.60
C GLN B 37 8.31 8.41 27.79
N GLU B 38 9.15 7.66 28.47
CA GLU B 38 8.72 6.89 29.65
C GLU B 38 8.18 7.80 30.77
N ARG B 39 8.87 8.90 31.06
N ARG B 39 8.87 8.89 31.04
CA ARG B 39 8.42 9.85 32.08
CA ARG B 39 8.46 9.89 32.04
C ARG B 39 7.10 10.53 31.67
C ARG B 39 7.15 10.58 31.68
N VAL B 40 6.99 10.87 30.40
CA VAL B 40 5.77 11.51 29.89
C VAL B 40 4.56 10.59 30.07
N LEU B 41 4.68 9.33 29.65
CA LEU B 41 3.60 8.39 29.84
C LEU B 41 3.30 8.17 31.32
N ALA B 42 4.33 8.12 32.16
CA ALA B 42 4.12 7.97 33.59
C ALA B 42 3.39 9.18 34.14
N GLU B 43 3.76 10.37 33.68
CA GLU B 43 3.06 11.60 34.03
C GLU B 43 1.57 11.55 33.65
N ILE B 44 1.27 11.14 32.42
CA ILE B 44 -0.10 11.11 31.93
C ILE B 44 -0.93 10.08 32.70
N LEU B 45 -0.41 8.86 32.80
CA LEU B 45 -1.12 7.76 33.47
C LEU B 45 -1.25 7.99 34.97
N SER B 46 -0.28 8.72 35.53
CA SER B 46 -0.31 9.10 36.94
C SER B 46 -1.44 10.08 37.23
N ARG B 47 -1.51 11.17 36.46
CA ARG B 47 -2.53 12.19 36.68
C ARG B 47 -3.93 11.72 36.26
N ASN B 48 -4.04 11.00 35.15
CA ASN B 48 -5.34 10.58 34.64
C ASN B 48 -5.75 9.16 35.06
N GLY B 49 -5.05 8.61 36.04
CA GLY B 49 -5.26 7.22 36.48
C GLY B 49 -6.67 6.91 36.93
N GLU B 50 -7.35 7.95 37.43
CA GLU B 50 -8.68 7.84 38.00
C GLU B 50 -9.80 8.26 37.03
N THR B 51 -9.44 8.66 35.81
CA THR B 51 -10.47 9.06 34.84
C THR B 51 -11.37 7.89 34.45
N GLU B 52 -12.56 8.22 33.99
CA GLU B 52 -13.54 7.26 33.55
C GLU B 52 -12.98 6.33 32.45
N TYR B 53 -12.31 6.92 31.45
CA TYR B 53 -11.79 6.17 30.30
C TYR B 53 -10.70 5.16 30.64
N LEU B 54 -9.74 5.54 31.47
CA LEU B 54 -8.67 4.63 31.82
C LEU B 54 -9.15 3.50 32.74
N LYS B 55 -10.05 3.83 33.66
CA LYS B 55 -10.58 2.88 34.65
C LYS B 55 -11.40 1.75 34.02
N ARG B 56 -11.98 1.98 32.84
CA ARG B 56 -12.76 0.95 32.20
C ARG B 56 -11.88 -0.14 31.56
N PHE B 57 -10.60 0.16 31.39
CA PHE B 57 -9.65 -0.85 30.94
C PHE B 57 -8.84 -1.40 32.11
N LYS B 58 -9.27 -1.03 33.32
CA LYS B 58 -8.70 -1.50 34.59
C LYS B 58 -7.17 -1.54 34.58
N LEU B 59 -6.61 -0.34 34.51
CA LEU B 59 -5.18 -0.16 34.48
C LEU B 59 -4.57 -0.35 35.88
N GLU B 60 -5.43 -0.33 36.90
CA GLU B 60 -5.02 -0.50 38.31
C GLU B 60 -3.97 0.53 38.74
N GLY B 61 -3.99 1.71 38.11
CA GLY B 61 -2.99 2.75 38.39
C GLY B 61 -1.54 2.39 38.10
N SER B 62 -1.32 1.40 37.22
CA SER B 62 0.01 1.10 36.71
C SER B 62 0.44 2.25 35.80
N THR B 63 1.72 2.61 35.83
CA THR B 63 2.19 3.75 35.06
C THR B 63 3.19 3.40 33.96
N VAL B 64 3.46 2.12 33.78
CA VAL B 64 4.46 1.66 32.81
C VAL B 64 3.88 1.27 31.44
N ARG B 65 4.75 1.19 30.45
CA ARG B 65 4.36 0.98 29.06
C ARG B 65 3.79 -0.41 28.80
N GLU B 66 4.35 -1.40 29.47
CA GLU B 66 4.00 -2.80 29.19
C GLU B 66 2.53 -3.15 29.47
N THR B 67 1.96 -2.60 30.55
CA THR B 67 0.53 -2.81 30.84
C THR B 67 -0.35 -1.91 29.96
N PHE B 68 0.04 -0.65 29.88
CA PHE B 68 -0.59 0.32 29.00
C PHE B 68 -0.78 -0.26 27.60
N LYS B 69 0.31 -0.80 27.04
CA LYS B 69 0.30 -1.34 25.68
C LYS B 69 -0.53 -2.60 25.53
N SER B 70 -0.76 -3.32 26.61
CA SER B 70 -1.56 -4.52 26.46
C SER B 70 -3.01 -4.34 26.87
N LYS B 71 -3.33 -3.32 27.66
CA LYS B 71 -4.73 -3.11 28.08
C LYS B 71 -5.49 -2.04 27.32
N ILE B 72 -4.78 -1.00 26.87
CA ILE B 72 -5.44 0.14 26.24
C ILE B 72 -5.56 -0.02 24.72
N PRO B 73 -6.80 0.05 24.20
CA PRO B 73 -6.95 -0.19 22.76
C PRO B 73 -6.40 0.94 21.92
N VAL B 74 -6.12 0.64 20.66
CA VAL B 74 -5.58 1.60 19.74
C VAL B 74 -6.77 2.06 18.94
N ILE B 75 -7.02 3.36 18.98
CA ILE B 75 -8.32 3.87 18.54
C ILE B 75 -8.27 4.89 17.40
N LYS B 76 -9.36 4.90 16.64
CA LYS B 76 -9.68 5.97 15.72
C LYS B 76 -10.70 6.90 16.38
N TYR B 77 -10.91 8.06 15.74
CA TYR B 77 -11.80 9.10 16.26
C TYR B 77 -13.20 8.57 16.63
N GLU B 78 -13.75 7.72 15.78
CA GLU B 78 -15.10 7.17 15.97
C GLU B 78 -15.24 6.41 17.28
N ASP B 79 -14.21 5.65 17.66
CA ASP B 79 -14.20 4.93 18.94
C ASP B 79 -14.32 5.86 20.13
N LEU B 80 -13.97 7.13 19.95
CA LEU B 80 -13.96 8.07 21.08
C LEU B 80 -15.21 8.93 21.12
N GLN B 81 -16.06 8.79 20.11
CA GLN B 81 -17.28 9.58 19.98
C GLN B 81 -18.18 9.61 21.23
N PRO B 82 -18.40 8.46 21.90
CA PRO B 82 -19.27 8.55 23.09
C PRO B 82 -18.74 9.54 24.12
N GLU B 83 -17.45 9.46 24.42
CA GLU B 83 -16.81 10.36 25.39
C GLU B 83 -16.86 11.82 24.98
N ILE B 84 -16.64 12.08 23.69
CA ILE B 84 -16.56 13.44 23.16
C ILE B 84 -17.91 14.14 23.22
N GLN B 85 -18.95 13.46 22.74
CA GLN B 85 -20.31 13.97 22.76
C GLN B 85 -20.76 14.39 24.16
N ARG B 86 -20.40 13.56 25.15
CA ARG B 86 -20.75 13.82 26.54
C ARG B 86 -20.08 15.09 27.06
N ILE B 87 -18.77 15.22 26.77
CA ILE B 87 -18.01 16.42 27.07
C ILE B 87 -18.58 17.64 26.33
N ALA B 88 -18.88 17.46 25.05
CA ALA B 88 -19.51 18.50 24.23
C ALA B 88 -20.87 18.94 24.78
N ASN B 89 -21.64 17.99 25.32
CA ASN B 89 -22.94 18.27 25.94
C ASN B 89 -22.83 18.63 27.41
N GLY B 90 -21.64 19.03 27.86
CA GLY B 90 -21.48 19.66 29.16
C GLY B 90 -21.20 18.77 30.36
N ASP B 91 -20.87 17.51 30.10
CA ASP B 91 -20.46 16.62 31.18
C ASP B 91 -19.03 17.01 31.58
N ARG B 92 -18.87 17.51 32.80
CA ARG B 92 -17.59 18.10 33.24
C ARG B 92 -16.79 17.21 34.21
N SER B 93 -17.26 15.98 34.39
CA SER B 93 -16.53 15.00 35.18
C SER B 93 -15.23 14.58 34.46
N ALA B 94 -14.31 14.00 35.22
CA ALA B 94 -13.05 13.52 34.69
C ALA B 94 -13.29 12.28 33.83
N ILE B 95 -13.66 12.49 32.57
CA ILE B 95 -13.91 11.41 31.62
C ILE B 95 -12.61 10.94 30.97
N LEU B 96 -11.92 11.89 30.31
CA LEU B 96 -10.70 11.62 29.57
C LEU B 96 -9.48 12.19 30.29
N SER B 97 -9.70 13.26 31.05
CA SER B 97 -8.63 13.94 31.74
C SER B 97 -9.01 14.36 33.14
N ALA B 98 -8.02 14.36 34.03
CA ALA B 98 -8.17 14.97 35.36
C ALA B 98 -8.32 16.49 35.24
N HIS B 99 -7.62 17.10 34.30
CA HIS B 99 -7.79 18.52 33.99
C HIS B 99 -9.06 18.67 33.23
N PRO B 100 -9.79 19.78 33.48
CA PRO B 100 -11.00 20.03 32.71
C PRO B 100 -10.69 20.30 31.24
N ILE B 101 -11.56 19.83 30.35
CA ILE B 101 -11.39 20.10 28.94
C ILE B 101 -11.73 21.57 28.69
N SER B 102 -10.72 22.34 28.29
CA SER B 102 -10.89 23.79 28.12
C SER B 102 -11.68 24.18 26.87
N GLU B 103 -11.50 23.41 25.81
CA GLU B 103 -12.15 23.67 24.52
C GLU B 103 -11.84 22.50 23.59
N PHE B 104 -12.48 22.50 22.43
CA PHE B 104 -12.23 21.51 21.41
C PHE B 104 -11.50 22.19 20.28
N LEU B 105 -10.37 21.62 19.87
CA LEU B 105 -9.68 22.07 18.67
C LEU B 105 -10.14 21.23 17.48
N THR B 106 -10.64 21.91 16.47
CA THR B 106 -11.27 21.23 15.36
C THR B 106 -10.28 20.92 14.25
N SER B 107 -10.03 19.63 14.05
CA SER B 107 -9.12 19.16 13.03
C SER B 107 -9.71 19.47 11.65
N SER B 108 -8.85 19.61 10.66
CA SER B 108 -9.32 19.74 9.28
C SER B 108 -9.76 18.37 8.74
N GLY B 109 -9.36 17.29 9.43
CA GLY B 109 -9.88 15.96 9.14
C GLY B 109 -11.31 15.86 9.66
N THR B 110 -12.19 15.33 8.82
CA THR B 110 -13.61 15.27 9.14
C THR B 110 -14.09 13.86 9.48
N SER B 111 -15.22 13.80 10.19
CA SER B 111 -15.90 12.57 10.53
C SER B 111 -17.39 12.81 10.36
N ALA B 112 -18.01 12.04 9.47
CA ALA B 112 -19.43 12.22 9.11
C ALA B 112 -19.69 13.66 8.62
N GLY B 113 -18.76 14.18 7.81
CA GLY B 113 -18.88 15.53 7.25
C GLY B 113 -18.39 16.67 8.13
N GLU B 114 -18.31 16.43 9.44
CA GLU B 114 -17.94 17.48 10.40
C GLU B 114 -16.50 17.32 10.93
N ARG B 115 -15.79 18.44 11.05
CA ARG B 115 -14.48 18.51 11.69
C ARG B 115 -14.44 17.70 12.98
N LYS B 116 -13.32 17.04 13.22
CA LYS B 116 -13.14 16.27 14.44
C LYS B 116 -12.87 17.17 15.63
N LEU B 117 -13.50 16.83 16.76
CA LEU B 117 -13.29 17.53 18.01
C LEU B 117 -12.15 16.90 18.80
N MET B 118 -10.98 17.53 18.75
CA MET B 118 -9.88 17.11 19.58
C MET B 118 -9.93 17.88 20.89
N PRO B 119 -10.19 17.17 22.00
CA PRO B 119 -10.23 17.86 23.29
C PRO B 119 -8.85 18.35 23.66
N THR B 120 -8.78 19.52 24.28
CA THR B 120 -7.52 20.01 24.81
C THR B 120 -7.69 20.43 26.27
N ILE B 121 -6.56 20.67 26.94
CA ILE B 121 -6.56 21.22 28.29
C ILE B 121 -5.72 22.49 28.28
N GLN B 122 -5.83 23.28 29.36
CA GLN B 122 -5.18 24.57 29.47
C GLN B 122 -3.65 24.47 29.36
N GLU B 123 -3.05 23.52 30.05
CA GLU B 123 -1.58 23.46 30.17
C GLU B 123 -0.92 23.08 28.84
N GLU B 124 -1.70 22.55 27.93
CA GLU B 124 -1.21 22.22 26.60
C GLU B 124 -0.68 23.47 25.89
N LEU B 125 -1.31 24.62 26.15
CA LEU B 125 -0.88 25.92 25.59
C LEU B 125 0.59 26.24 25.86
N ASP B 126 1.08 25.88 27.03
CA ASP B 126 2.49 26.10 27.36
C ASP B 126 3.40 25.22 26.51
N ARG B 127 3.00 23.97 26.32
CA ARG B 127 3.75 23.06 25.45
C ARG B 127 3.83 23.54 23.99
N ARG B 128 2.72 24.04 23.45
CA ARG B 128 2.74 24.54 22.08
C ARG B 128 3.72 25.72 21.94
N GLN B 129 3.65 26.66 22.88
CA GLN B 129 4.50 27.86 22.89
C GLN B 129 5.98 27.48 23.03
N MET B 130 6.25 26.49 23.88
CA MET B 130 7.60 25.95 24.06
C MET B 130 8.14 25.50 22.71
N LEU B 131 7.33 24.79 21.93
CA LEU B 131 7.76 24.33 20.62
C LEU B 131 7.99 25.52 19.66
N TYR B 132 7.01 26.39 19.54
CA TYR B 132 7.18 27.62 18.76
C TYR B 132 8.47 28.38 19.13
N SER B 133 8.87 28.32 20.40
CA SER B 133 10.05 29.03 20.88
C SER B 133 11.36 28.40 20.39
N LEU B 134 11.29 27.18 19.88
CA LEU B 134 12.49 26.50 19.41
C LEU B 134 12.83 26.86 17.97
N LEU B 135 11.87 27.37 17.21
CA LEU B 135 12.01 27.54 15.76
C LEU B 135 13.14 28.47 15.31
N MET B 136 13.18 29.68 15.87
CA MET B 136 14.12 30.69 15.40
C MET B 136 15.55 30.43 15.89
N PRO B 137 15.71 30.02 17.17
CA PRO B 137 17.03 29.58 17.59
C PRO B 137 17.62 28.55 16.63
N VAL B 138 16.77 27.71 16.05
CA VAL B 138 17.22 26.74 15.06
C VAL B 138 17.49 27.39 13.71
N MET B 139 16.57 28.21 13.23
CA MET B 139 16.75 28.92 11.96
C MET B 139 18.00 29.82 11.95
N ASN B 140 18.26 30.51 13.07
CA ASN B 140 19.44 31.38 13.18
C ASN B 140 20.78 30.69 12.88
N LEU B 141 20.83 29.38 13.10
CA LEU B 141 22.03 28.60 12.79
C LEU B 141 22.32 28.55 11.30
N TYR B 142 21.29 28.67 10.48
CA TYR B 142 21.44 28.50 9.04
C TYR B 142 21.29 29.81 8.26
N VAL B 143 20.41 30.69 8.71
CA VAL B 143 20.16 31.97 8.06
C VAL B 143 20.30 33.08 9.10
N PRO B 144 21.46 33.76 9.14
CA PRO B 144 21.73 34.69 10.24
C PRO B 144 21.21 36.10 9.97
N GLY B 145 21.11 36.89 11.05
CA GLY B 145 20.68 38.28 10.95
C GLY B 145 19.19 38.52 10.74
N LEU B 146 18.37 37.53 11.11
CA LEU B 146 16.92 37.67 10.99
C LEU B 146 16.33 38.57 12.07
N ASP B 147 17.09 38.77 13.14
CA ASP B 147 16.71 39.69 14.23
C ASP B 147 16.93 41.17 13.87
N LYS B 148 17.32 41.43 12.63
CA LYS B 148 17.56 42.79 12.12
C LYS B 148 16.44 43.24 11.17
N GLY B 149 15.41 42.42 11.03
CA GLY B 149 14.29 42.73 10.17
C GLY B 149 13.03 42.06 10.64
N LYS B 150 12.04 42.00 9.76
CA LYS B 150 10.72 41.51 10.15
C LYS B 150 10.30 40.35 9.27
N GLY B 151 9.23 39.67 9.69
CA GLY B 151 8.60 38.65 8.85
C GLY B 151 7.23 39.09 8.37
N LEU B 152 6.95 38.83 7.10
CA LEU B 152 5.62 39.05 6.55
C LEU B 152 4.86 37.73 6.51
N TYR B 153 3.95 37.57 7.46
CA TYR B 153 3.13 36.36 7.56
C TYR B 153 1.66 36.68 7.34
N PHE B 154 1.06 35.96 6.38
CA PHE B 154 -0.36 36.07 6.16
C PHE B 154 -1.06 34.97 6.97
N LEU B 155 -1.56 35.35 8.14
CA LEU B 155 -2.20 34.41 9.07
C LEU B 155 -3.69 34.70 9.17
N PHE B 156 -4.49 33.66 9.43
CA PHE B 156 -5.95 33.83 9.45
C PHE B 156 -6.64 33.01 10.51
N VAL B 157 -7.61 33.64 11.18
CA VAL B 157 -8.49 32.91 12.08
C VAL B 157 -9.66 32.38 11.27
N LYS B 158 -10.36 31.39 11.81
CA LYS B 158 -11.51 30.80 11.15
C LYS B 158 -12.65 30.74 12.15
N SER B 159 -13.85 30.42 11.68
CA SER B 159 -15.05 30.50 12.50
C SER B 159 -15.02 29.58 13.71
N GLU B 160 -15.61 30.07 14.81
CA GLU B 160 -15.82 29.28 16.02
C GLU B 160 -17.29 28.90 16.14
N THR B 161 -17.58 28.00 17.07
CA THR B 161 -18.94 27.62 17.42
C THR B 161 -18.91 27.12 18.86
N ARG B 162 -20.02 27.25 19.58
CA ARG B 162 -20.08 26.66 20.91
C ARG B 162 -20.82 25.33 20.85
N THR B 163 -20.41 24.41 21.70
CA THR B 163 -21.08 23.12 21.83
C THR B 163 -22.21 23.23 22.85
N PRO B 164 -23.27 22.41 22.68
CA PRO B 164 -24.41 22.40 23.58
C PRO B 164 -24.06 22.69 25.04
N GLY B 165 -23.02 22.04 25.57
CA GLY B 165 -22.65 22.22 26.97
C GLY B 165 -21.79 23.44 27.29
N GLY B 166 -21.56 24.28 26.29
CA GLY B 166 -20.86 25.55 26.52
C GLY B 166 -19.41 25.67 26.07
N LEU B 167 -18.82 24.57 25.62
CA LEU B 167 -17.41 24.58 25.18
C LEU B 167 -17.21 25.15 23.79
N LEU B 168 -16.10 25.83 23.59
CA LEU B 168 -15.75 26.42 22.30
C LEU B 168 -15.16 25.38 21.36
N ALA B 169 -15.46 25.48 20.07
CA ALA B 169 -14.93 24.57 19.06
C ALA B 169 -14.40 25.32 17.84
N ARG B 170 -13.08 25.32 17.67
CA ARG B 170 -12.42 26.10 16.62
C ARG B 170 -11.04 25.53 16.28
N PRO B 171 -10.48 25.87 15.11
CA PRO B 171 -9.15 25.37 14.72
C PRO B 171 -8.05 25.73 15.72
N VAL B 172 -7.05 24.85 15.86
CA VAL B 172 -5.98 25.10 16.83
C VAL B 172 -5.26 26.44 16.54
N LEU B 173 -5.08 26.75 15.26
CA LEU B 173 -4.37 27.96 14.86
C LEU B 173 -5.16 29.21 15.24
N THR B 174 -6.49 29.12 15.10
CA THR B 174 -7.40 30.18 15.52
C THR B 174 -7.27 30.36 17.03
N SER B 175 -7.39 29.26 17.76
CA SER B 175 -7.25 29.27 19.20
C SER B 175 -5.94 29.91 19.63
N TYR B 176 -4.88 29.63 18.86
CA TYR B 176 -3.57 30.18 19.14
C TYR B 176 -3.51 31.69 18.90
N TYR B 177 -3.99 32.14 17.74
CA TYR B 177 -3.99 33.57 17.42
C TYR B 177 -4.79 34.37 18.45
N LYS B 178 -5.94 33.83 18.87
CA LYS B 178 -6.80 34.50 19.84
C LYS B 178 -6.36 34.38 21.30
N SER B 179 -5.24 33.69 21.54
CA SER B 179 -4.79 33.44 22.91
C SER B 179 -3.89 34.56 23.41
N GLU B 180 -3.74 34.61 24.74
CA GLU B 180 -2.83 35.53 25.44
C GLU B 180 -1.37 35.36 25.01
N HIS B 181 -0.97 34.11 24.75
CA HIS B 181 0.39 33.78 24.31
C HIS B 181 0.77 34.53 23.06
N PHE B 182 -0.21 34.85 22.24
CA PHE B 182 0.03 35.49 20.94
C PHE B 182 -0.30 36.97 20.94
N LYS B 183 -1.41 37.35 21.58
CA LYS B 183 -1.80 38.76 21.70
C LYS B 183 -0.73 39.59 22.42
N THR B 184 -0.31 39.10 23.59
CA THR B 184 0.55 39.85 24.49
C THR B 184 1.99 39.31 24.47
N ARG B 185 2.39 38.69 23.35
CA ARG B 185 3.69 38.03 23.26
C ARG B 185 4.87 38.96 23.60
N PRO B 186 5.85 38.45 24.39
CA PRO B 186 6.99 39.28 24.79
C PRO B 186 7.85 39.68 23.59
N TYR B 187 8.66 40.74 23.75
CA TYR B 187 9.51 41.19 22.65
C TYR B 187 10.46 40.08 22.22
N ASP B 188 10.52 39.88 20.91
CA ASP B 188 11.32 38.82 20.34
C ASP B 188 11.86 39.30 19.00
N PRO B 189 13.14 39.73 18.99
CA PRO B 189 13.78 40.30 17.82
C PRO B 189 13.61 39.40 16.61
N TYR B 190 13.62 38.08 16.83
CA TYR B 190 13.45 37.09 15.75
C TYR B 190 12.04 36.95 15.21
N ASN B 191 11.07 37.53 15.90
CA ASN B 191 9.68 37.37 15.49
C ASN B 191 8.89 38.68 15.47
N VAL B 192 9.38 39.65 14.70
CA VAL B 192 8.69 40.91 14.53
C VAL B 192 7.86 40.83 13.25
N TYR B 193 6.55 40.74 13.39
CA TYR B 193 5.67 40.61 12.23
C TYR B 193 5.16 41.95 11.75
N THR B 194 4.89 42.04 10.46
CA THR B 194 4.29 43.23 9.89
C THR B 194 2.79 43.29 10.19
N SER B 195 2.13 42.12 10.32
CA SER B 195 0.68 42.07 10.53
C SER B 195 0.22 42.44 11.95
N PRO B 196 -0.61 43.50 12.07
CA PRO B 196 -1.23 43.79 13.35
C PRO B 196 -2.14 42.65 13.77
N ASN B 197 -2.21 42.40 15.06
CA ASN B 197 -3.06 41.35 15.58
C ASN B 197 -4.49 41.48 15.08
N GLU B 198 -5.00 42.71 15.08
CA GLU B 198 -6.41 42.98 14.79
C GLU B 198 -6.76 42.69 13.34
N ALA B 199 -5.76 42.77 12.45
CA ALA B 199 -5.93 42.30 11.08
C ALA B 199 -6.11 40.78 11.04
N ILE B 200 -5.23 40.08 11.76
CA ILE B 200 -5.28 38.62 11.82
C ILE B 200 -6.57 38.15 12.49
N LEU B 201 -7.04 38.90 13.48
CA LEU B 201 -8.22 38.53 14.24
C LEU B 201 -9.53 38.93 13.59
N CYS B 202 -9.45 39.62 12.45
CA CYS B 202 -10.65 40.01 11.73
C CYS B 202 -11.37 38.79 11.14
N ALA B 203 -12.68 38.71 11.37
CA ALA B 203 -13.51 37.60 10.89
C ALA B 203 -13.80 37.66 9.38
N ASP B 204 -13.53 38.79 8.75
CA ASP B 204 -13.74 38.93 7.31
C ASP B 204 -12.41 38.67 6.62
N SER B 205 -12.33 37.54 5.93
CA SER B 205 -11.11 37.12 5.25
C SER B 205 -10.60 38.15 4.23
N PHE B 206 -11.51 38.79 3.49
CA PHE B 206 -11.08 39.83 2.54
C PHE B 206 -10.36 40.96 3.24
N GLN B 207 -10.95 41.43 4.33
CA GLN B 207 -10.47 42.59 5.04
C GLN B 207 -9.16 42.27 5.76
N SER B 208 -9.11 41.06 6.34
CA SER B 208 -7.89 40.54 6.94
C SER B 208 -6.75 40.46 5.93
N MET B 209 -7.03 39.88 4.78
CA MET B 209 -6.02 39.74 3.74
C MET B 209 -5.59 41.11 3.17
N TYR B 210 -6.55 41.99 2.95
CA TYR B 210 -6.28 43.32 2.39
C TYR B 210 -5.28 44.09 3.27
N THR B 211 -5.58 44.17 4.56
CA THR B 211 -4.77 44.99 5.46
C THR B 211 -3.42 44.38 5.78
N GLN B 212 -3.35 43.04 5.86
CA GLN B 212 -2.07 42.37 6.06
C GLN B 212 -1.15 42.65 4.88
N MET B 213 -1.74 42.63 3.68
CA MET B 213 -1.01 42.98 2.45
C MET B 213 -0.52 44.43 2.47
N LEU B 214 -1.42 45.34 2.87
CA LEU B 214 -1.10 46.76 2.97
C LEU B 214 0.08 47.01 3.90
N CYS B 215 0.01 46.46 5.11
CA CYS B 215 1.10 46.61 6.08
C CYS B 215 2.42 46.01 5.60
N GLY B 216 2.33 44.85 4.94
CA GLY B 216 3.51 44.21 4.39
C GLY B 216 4.17 45.05 3.30
N ILE B 217 3.35 45.74 2.51
CA ILE B 217 3.87 46.62 1.46
C ILE B 217 4.55 47.87 2.03
N TYR B 218 3.88 48.56 2.96
CA TYR B 218 4.51 49.70 3.65
C TYR B 218 5.85 49.34 4.29
N GLU B 219 6.00 48.11 4.76
CA GLU B 219 7.21 47.74 5.47
C GLU B 219 8.15 46.86 4.66
N ARG B 220 7.97 46.90 3.33
CA ARG B 220 8.68 46.02 2.40
C ARG B 220 10.19 45.85 2.60
N LYS B 221 10.92 46.95 2.80
CA LYS B 221 12.38 46.92 3.00
C LYS B 221 12.81 46.13 4.24
N GLN B 222 11.95 46.06 5.24
CA GLN B 222 12.24 45.38 6.50
CA GLN B 222 12.27 45.37 6.49
C GLN B 222 11.98 43.87 6.45
N VAL B 223 11.25 43.42 5.44
CA VAL B 223 10.85 42.01 5.32
C VAL B 223 12.02 41.09 4.96
N LEU B 224 12.44 40.25 5.91
CA LEU B 224 13.52 39.29 5.62
C LEU B 224 12.98 37.88 5.27
N ARG B 225 11.72 37.61 5.61
CA ARG B 225 11.04 36.37 5.20
C ARG B 225 9.55 36.65 5.01
N LEU B 226 8.95 35.91 4.09
CA LEU B 226 7.53 35.94 3.81
C LEU B 226 7.00 34.55 4.08
N GLY B 227 5.75 34.44 4.53
CA GLY B 227 5.14 33.14 4.63
C GLY B 227 3.69 33.04 5.05
N ALA B 228 3.25 31.80 5.21
CA ALA B 228 1.96 31.45 5.78
C ALA B 228 2.19 30.06 6.33
N VAL B 229 1.19 29.51 7.01
CA VAL B 229 1.29 28.14 7.49
C VAL B 229 1.50 27.18 6.32
N PHE B 230 0.61 27.24 5.33
CA PHE B 230 0.63 26.35 4.17
C PHE B 230 0.93 27.07 2.87
N ALA B 231 1.50 26.34 1.91
CA ALA B 231 1.85 26.89 0.60
C ALA B 231 0.65 27.52 -0.08
N SER B 232 -0.48 26.83 -0.03
CA SER B 232 -1.71 27.32 -0.64
C SER B 232 -2.06 28.72 -0.11
N GLY B 233 -1.79 28.93 1.17
CA GLY B 233 -2.03 30.22 1.83
C GLY B 233 -1.21 31.37 1.30
N LEU B 234 0.08 31.17 1.13
CA LEU B 234 0.97 32.21 0.61
C LEU B 234 0.65 32.52 -0.85
N LEU B 235 0.34 31.47 -1.62
CA LEU B 235 -0.04 31.65 -3.02
C LEU B 235 -1.33 32.48 -3.13
N ARG B 236 -2.24 32.26 -2.21
CA ARG B 236 -3.50 32.99 -2.14
C ARG B 236 -3.23 34.49 -1.89
N ALA B 237 -2.22 34.78 -1.06
CA ALA B 237 -1.79 36.14 -0.80
C ALA B 237 -1.22 36.79 -2.06
N ILE B 238 -0.42 36.02 -2.81
CA ILE B 238 0.17 36.51 -4.05
C ILE B 238 -0.93 36.81 -5.08
N ARG B 239 -1.90 35.90 -5.17
CA ARG B 239 -3.04 36.06 -6.06
C ARG B 239 -3.83 37.30 -5.68
N PHE B 240 -3.96 37.54 -4.38
CA PHE B 240 -4.64 38.73 -3.89
C PHE B 240 -3.99 40.00 -4.41
N LEU B 241 -2.66 40.07 -4.34
CA LEU B 241 -1.92 41.20 -4.87
C LEU B 241 -2.12 41.35 -6.37
N GLN B 242 -2.15 40.22 -7.07
CA GLN B 242 -2.44 40.18 -8.51
C GLN B 242 -3.76 40.86 -8.86
N LEU B 243 -4.76 40.63 -8.03
CA LEU B 243 -6.12 41.06 -8.31
C LEU B 243 -6.52 42.40 -7.66
N ASN B 244 -5.69 42.90 -6.74
CA ASN B 244 -6.08 44.07 -5.94
C ASN B 244 -5.04 45.18 -5.79
N TRP B 245 -3.96 45.11 -6.56
CA TRP B 245 -2.86 46.07 -6.45
C TRP B 245 -3.23 47.49 -6.81
N HIS B 246 -4.21 47.67 -7.71
CA HIS B 246 -4.67 49.01 -8.06
C HIS B 246 -5.28 49.68 -6.86
N GLN B 247 -6.36 49.10 -6.34
CA GLN B 247 -7.02 49.61 -5.12
C GLN B 247 -6.04 49.82 -3.96
N LEU B 248 -5.09 48.90 -3.81
CA LEU B 248 -4.09 48.97 -2.75
C LEU B 248 -3.13 50.14 -2.93
N THR B 249 -2.59 50.31 -4.14
CA THR B 249 -1.63 51.38 -4.41
C THR B 249 -2.29 52.75 -4.36
N HIS B 250 -3.56 52.83 -4.74
CA HIS B 250 -4.37 54.03 -4.58
C HIS B 250 -4.42 54.42 -3.12
N ASP B 251 -4.63 53.41 -2.28
CA ASP B 251 -4.59 53.59 -0.83
C ASP B 251 -3.24 54.08 -0.32
N ILE B 252 -2.16 53.55 -0.87
CA ILE B 252 -0.82 53.93 -0.42
C ILE B 252 -0.45 55.35 -0.86
N ARG B 253 -0.82 55.70 -2.10
CA ARG B 253 -0.57 57.03 -2.64
C ARG B 253 -1.28 58.10 -1.80
N THR B 254 -2.58 57.91 -1.59
CA THR B 254 -3.43 58.89 -0.91
C THR B 254 -3.33 58.90 0.61
N GLY B 255 -2.80 57.81 1.18
CA GLY B 255 -2.78 57.63 2.63
C GLY B 255 -4.19 57.51 3.19
N THR B 256 -5.12 56.98 2.39
CA THR B 256 -6.48 56.68 2.81
C THR B 256 -6.74 55.18 2.67
N LEU B 257 -7.66 54.66 3.46
CA LEU B 257 -7.97 53.25 3.43
C LEU B 257 -9.27 53.00 2.67
N SER B 258 -9.23 52.06 1.73
CA SER B 258 -10.40 51.66 0.94
C SER B 258 -11.65 51.56 1.79
N PRO B 259 -12.77 52.14 1.31
CA PRO B 259 -14.04 52.08 2.03
C PRO B 259 -14.54 50.64 2.23
N LYS B 260 -14.02 49.70 1.43
CA LYS B 260 -14.38 48.27 1.53
C LYS B 260 -13.99 47.68 2.88
N ILE B 261 -12.97 48.26 3.51
CA ILE B 261 -12.57 47.87 4.85
C ILE B 261 -13.50 48.54 5.87
N THR B 262 -14.56 47.84 6.24
CA THR B 262 -15.62 48.41 7.07
C THR B 262 -15.47 48.12 8.55
N ASP B 263 -14.75 47.06 8.88
CA ASP B 263 -14.54 46.66 10.27
C ASP B 263 -13.69 47.72 10.99
N PRO B 264 -14.27 48.39 12.03
CA PRO B 264 -13.63 49.53 12.71
C PRO B 264 -12.30 49.18 13.37
N SER B 265 -12.25 47.98 13.92
CA SER B 265 -11.04 47.40 14.51
C SER B 265 -9.88 47.37 13.50
N VAL B 266 -10.20 47.04 12.26
CA VAL B 266 -9.18 46.87 11.23
C VAL B 266 -8.74 48.22 10.67
N ARG B 267 -9.69 49.15 10.54
CA ARG B 267 -9.36 50.53 10.13
C ARG B 267 -8.42 51.17 11.15
N ASN B 268 -8.73 51.00 12.44
CA ASN B 268 -7.90 51.53 13.53
C ASN B 268 -6.49 50.92 13.58
N CYS B 269 -6.39 49.61 13.31
CA CYS B 269 -5.11 48.90 13.47
C CYS B 269 -4.09 49.37 12.46
N VAL B 270 -4.59 49.94 11.36
CA VAL B 270 -3.73 50.38 10.26
C VAL B 270 -3.35 51.87 10.36
N ALA B 271 -3.91 52.58 11.33
CA ALA B 271 -3.69 54.02 11.46
C ALA B 271 -2.20 54.40 11.61
N GLY B 272 -1.40 53.49 12.15
CA GLY B 272 0.03 53.73 12.37
C GLY B 272 0.87 53.81 11.10
N VAL B 273 0.53 52.96 10.12
CA VAL B 273 1.30 52.85 8.88
C VAL B 273 0.69 53.64 7.72
N LEU B 274 -0.57 54.05 7.85
CA LEU B 274 -1.30 54.67 6.74
C LEU B 274 -0.94 56.16 6.55
N LYS B 275 -0.13 56.42 5.54
CA LYS B 275 0.42 57.75 5.25
C LYS B 275 0.68 57.82 3.75
N PRO B 276 0.52 59.03 3.16
CA PRO B 276 0.76 59.16 1.72
C PRO B 276 2.20 58.79 1.37
N ASP B 277 2.36 57.84 0.46
CA ASP B 277 3.67 57.48 -0.06
C ASP B 277 3.55 57.21 -1.56
N PRO B 278 3.51 58.29 -2.36
CA PRO B 278 3.38 58.16 -3.80
C PRO B 278 4.57 57.43 -4.43
N GLU B 279 5.76 57.61 -3.87
CA GLU B 279 6.99 56.95 -4.35
C GLU B 279 6.82 55.43 -4.32
N LEU B 280 6.47 54.89 -3.15
CA LEU B 280 6.15 53.47 -2.96
C LEU B 280 4.99 52.99 -3.82
N ALA B 281 3.90 53.76 -3.84
CA ALA B 281 2.75 53.42 -4.67
C ALA B 281 3.14 53.40 -6.15
N ASP B 282 4.13 54.22 -6.51
CA ASP B 282 4.71 54.21 -7.84
C ASP B 282 5.37 52.85 -8.07
N LEU B 283 6.42 52.58 -7.31
CA LEU B 283 7.20 51.32 -7.41
C LEU B 283 6.30 50.07 -7.49
N VAL B 284 5.34 49.97 -6.59
CA VAL B 284 4.50 48.77 -6.50
C VAL B 284 3.62 48.61 -7.73
N ALA B 285 2.95 49.68 -8.13
CA ALA B 285 2.11 49.67 -9.33
C ALA B 285 2.93 49.38 -10.60
N GLY B 286 4.17 49.86 -10.61
CA GLY B 286 5.11 49.58 -11.70
C GLY B 286 5.32 48.09 -11.92
N GLU B 287 5.60 47.37 -10.84
CA GLU B 287 5.82 45.93 -10.84
C GLU B 287 4.55 45.11 -11.07
N CYS B 288 3.47 45.49 -10.43
CA CYS B 288 2.28 44.66 -10.42
C CYS B 288 1.45 44.72 -11.70
N SER B 289 1.65 45.75 -12.51
CA SER B 289 0.87 45.94 -13.74
C SER B 289 1.30 45.03 -14.89
N LYS B 290 2.53 44.51 -14.80
CA LYS B 290 3.14 43.69 -15.85
C LYS B 290 2.51 42.31 -16.02
N ASP B 291 2.58 41.78 -17.24
CA ASP B 291 2.11 40.43 -17.56
C ASP B 291 3.02 39.32 -17.00
N ASN B 292 4.28 39.67 -16.72
CA ASN B 292 5.28 38.72 -16.22
C ASN B 292 5.46 38.84 -14.71
N TRP B 293 4.92 37.87 -13.96
CA TRP B 293 4.95 37.88 -12.50
C TRP B 293 6.06 37.04 -11.90
N GLU B 294 6.80 36.34 -12.76
CA GLU B 294 7.97 35.60 -12.34
C GLU B 294 8.91 36.48 -11.53
N GLY B 295 9.24 36.02 -10.32
CA GLY B 295 10.22 36.69 -9.46
C GLY B 295 9.69 37.93 -8.78
N ILE B 296 8.37 38.13 -8.84
CA ILE B 296 7.75 39.34 -8.29
C ILE B 296 8.06 39.57 -6.80
N ILE B 297 8.25 38.49 -6.05
CA ILE B 297 8.46 38.58 -4.61
C ILE B 297 9.74 39.36 -4.24
N THR B 298 10.82 39.14 -4.99
CA THR B 298 12.09 39.83 -4.73
C THR B 298 12.14 41.24 -5.31
N ARG B 299 11.11 41.59 -6.07
CA ARG B 299 10.99 42.95 -6.60
C ARG B 299 10.22 43.79 -5.60
N ILE B 300 9.11 43.25 -5.10
CA ILE B 300 8.34 43.92 -4.07
C ILE B 300 8.95 43.82 -2.68
N TRP B 301 9.49 42.65 -2.34
CA TRP B 301 10.22 42.47 -1.08
C TRP B 301 11.64 42.01 -1.34
N PRO B 302 12.52 42.96 -1.72
CA PRO B 302 13.87 42.66 -2.23
C PRO B 302 14.84 42.07 -1.22
N ASN B 303 14.47 42.12 0.06
CA ASN B 303 15.38 41.64 1.10
C ASN B 303 15.02 40.26 1.65
N THR B 304 13.99 39.64 1.04
CA THR B 304 13.53 38.32 1.43
C THR B 304 14.62 37.27 1.28
N LYS B 305 14.87 36.54 2.37
CA LYS B 305 15.90 35.50 2.37
C LYS B 305 15.33 34.14 2.02
N TYR B 306 14.04 33.95 2.30
CA TYR B 306 13.39 32.68 2.07
C TYR B 306 11.90 32.77 2.32
N LEU B 307 11.16 31.75 1.88
CA LEU B 307 9.75 31.66 2.16
C LEU B 307 9.50 30.72 3.32
N ASP B 308 8.63 31.11 4.25
CA ASP B 308 8.34 30.30 5.42
C ASP B 308 6.97 29.68 5.25
N VAL B 309 6.94 28.44 4.80
CA VAL B 309 5.72 27.87 4.30
C VAL B 309 5.88 26.36 4.16
N ILE B 310 4.87 25.60 4.57
CA ILE B 310 4.91 24.16 4.52
C ILE B 310 4.75 23.71 3.06
N VAL B 311 5.77 23.03 2.53
CA VAL B 311 5.69 22.48 1.16
C VAL B 311 5.84 20.96 1.13
N THR B 312 5.76 20.32 2.29
CA THR B 312 5.79 18.87 2.37
C THR B 312 4.39 18.32 2.36
N GLY B 313 4.29 17.02 2.07
CA GLY B 313 3.00 16.34 1.97
C GLY B 313 2.19 16.85 0.80
N ALA B 314 0.89 16.98 1.01
CA ALA B 314 -0.04 17.46 -0.02
C ALA B 314 0.28 18.85 -0.57
N MET B 315 1.11 19.62 0.15
CA MET B 315 1.48 20.98 -0.27
C MET B 315 2.59 20.98 -1.31
N ALA B 316 3.23 19.83 -1.49
CA ALA B 316 4.32 19.69 -2.44
C ALA B 316 3.90 20.09 -3.84
N GLN B 317 2.60 19.93 -4.14
CA GLN B 317 2.08 20.31 -5.46
C GLN B 317 2.29 21.80 -5.78
N TYR B 318 2.52 22.61 -4.75
CA TYR B 318 2.63 24.06 -4.92
C TYR B 318 4.05 24.57 -5.10
N ILE B 319 5.04 23.68 -5.06
CA ILE B 319 6.46 24.06 -5.15
C ILE B 319 6.81 24.83 -6.44
N PRO B 320 6.36 24.34 -7.63
CA PRO B 320 6.71 25.07 -8.86
C PRO B 320 6.11 26.48 -8.93
N THR B 321 4.84 26.63 -8.54
CA THR B 321 4.18 27.92 -8.57
C THR B 321 4.89 28.91 -7.64
N LEU B 322 5.26 28.46 -6.44
CA LEU B 322 6.03 29.27 -5.50
C LEU B 322 7.43 29.64 -6.02
N ASP B 323 8.13 28.67 -6.61
CA ASP B 323 9.44 28.94 -7.18
C ASP B 323 9.35 29.95 -8.33
N TYR B 324 8.23 29.91 -9.06
CA TYR B 324 7.97 30.86 -10.13
C TYR B 324 7.88 32.28 -9.57
N TYR B 325 6.97 32.50 -8.62
CA TYR B 325 6.78 33.82 -8.03
C TYR B 325 7.96 34.32 -7.23
N SER B 326 8.83 33.42 -6.76
CA SER B 326 9.93 33.79 -5.86
C SER B 326 11.31 33.88 -6.53
N GLY B 327 11.39 33.38 -7.77
CA GLY B 327 12.65 33.29 -8.49
C GLY B 327 13.56 32.20 -7.94
N GLY B 328 12.97 31.22 -7.25
CA GLY B 328 13.70 30.06 -6.73
C GLY B 328 14.29 30.28 -5.35
N LEU B 329 13.55 30.96 -4.49
CA LEU B 329 14.01 31.26 -3.15
C LEU B 329 13.88 30.00 -2.26
N PRO B 330 14.82 29.80 -1.32
CA PRO B 330 14.69 28.69 -0.35
C PRO B 330 13.31 28.61 0.31
N LEU B 331 12.80 27.38 0.46
CA LEU B 331 11.53 27.15 1.13
C LEU B 331 11.79 26.45 2.46
N ALA B 332 11.23 27.01 3.52
CA ALA B 332 11.47 26.52 4.86
C ALA B 332 10.22 25.89 5.40
N CYS B 333 10.29 24.57 5.63
CA CYS B 333 9.22 23.82 6.28
C CYS B 333 9.64 23.66 7.72
N THR B 334 8.98 24.40 8.59
N THR B 334 9.00 24.42 8.60
CA THR B 334 9.51 24.59 9.93
CA THR B 334 9.49 24.61 9.96
C THR B 334 8.93 23.69 11.01
C THR B 334 8.93 23.65 11.00
N MET B 335 7.67 23.26 10.84
CA MET B 335 6.96 22.59 11.92
C MET B 335 6.00 21.52 11.44
N TYR B 336 5.77 20.54 12.31
CA TYR B 336 4.86 19.45 12.03
C TYR B 336 3.95 19.31 13.23
N ALA B 337 2.65 19.55 13.02
CA ALA B 337 1.74 19.76 14.14
C ALA B 337 0.30 19.54 13.72
N SER B 338 -0.60 19.45 14.69
CA SER B 338 -1.97 19.13 14.41
C SER B 338 -2.86 19.68 15.50
N SER B 339 -4.16 19.64 15.27
CA SER B 339 -5.14 19.91 16.31
C SER B 339 -5.05 18.96 17.51
N GLU B 340 -4.78 17.67 17.28
CA GLU B 340 -4.63 16.71 18.41
C GLU B 340 -3.43 17.03 19.25
N CYS B 341 -2.34 17.40 18.59
CA CYS B 341 -1.04 17.49 19.23
C CYS B 341 -0.03 18.16 18.31
N TYR B 342 0.77 19.04 18.89
CA TYR B 342 1.92 19.64 18.21
C TYR B 342 3.05 18.62 18.32
N PHE B 343 3.56 18.16 17.17
CA PHE B 343 4.46 17.00 17.14
C PHE B 343 5.93 17.38 17.27
N GLY B 344 6.40 18.24 16.38
CA GLY B 344 7.81 18.60 16.39
C GLY B 344 8.20 19.54 15.27
N LEU B 345 9.48 19.58 14.95
CA LEU B 345 10.02 20.60 14.07
C LEU B 345 11.12 20.07 13.17
N ASN B 346 11.37 20.82 12.10
CA ASN B 346 12.45 20.54 11.19
C ASN B 346 13.73 21.11 11.78
N LEU B 347 14.68 20.24 12.10
CA LEU B 347 15.94 20.68 12.67
C LEU B 347 16.91 21.24 11.62
N ASN B 348 16.61 21.00 10.34
CA ASN B 348 17.34 21.68 9.26
C ASN B 348 16.36 22.37 8.33
N PRO B 349 15.94 23.59 8.70
CA PRO B 349 14.92 24.27 7.91
C PRO B 349 15.43 24.73 6.54
N MET B 350 16.74 24.68 6.31
CA MET B 350 17.26 25.04 5.01
C MET B 350 17.43 23.87 4.03
N SER B 351 16.97 22.68 4.40
CA SER B 351 17.10 21.54 3.48
C SER B 351 16.08 21.58 2.32
N LYS B 352 16.39 20.84 1.25
CA LYS B 352 15.55 20.74 0.07
C LYS B 352 14.17 20.14 0.42
N PRO B 353 13.11 20.53 -0.30
CA PRO B 353 11.75 20.07 0.03
C PRO B 353 11.63 18.54 0.10
N SER B 354 12.36 17.85 -0.78
CA SER B 354 12.36 16.39 -0.82
C SER B 354 13.16 15.75 0.32
N GLU B 355 14.01 16.53 0.97
CA GLU B 355 14.84 16.01 2.06
C GLU B 355 14.42 16.58 3.42
N VAL B 356 13.18 17.05 3.51
CA VAL B 356 12.65 17.55 4.78
C VAL B 356 12.26 16.39 5.68
N SER B 357 12.89 16.36 6.85
CA SER B 357 12.60 15.42 7.93
C SER B 357 12.22 16.18 9.20
N TYR B 358 11.14 15.74 9.86
CA TYR B 358 10.72 16.35 11.13
C TYR B 358 11.15 15.49 12.31
N THR B 359 11.69 16.17 13.33
CA THR B 359 12.12 15.53 14.56
C THR B 359 11.03 15.71 15.59
N ILE B 360 10.33 14.64 15.89
CA ILE B 360 9.26 14.69 16.87
C ILE B 360 9.86 14.90 18.26
N MET B 361 9.29 15.85 19.01
CA MET B 361 9.80 16.22 20.31
C MET B 361 9.19 15.41 21.45
N PRO B 362 10.04 14.71 22.21
CA PRO B 362 9.63 13.68 23.17
C PRO B 362 8.85 14.17 24.39
N ASN B 363 8.80 15.49 24.60
CA ASN B 363 8.08 16.07 25.72
C ASN B 363 6.61 16.32 25.39
N MET B 364 6.27 16.26 24.10
CA MET B 364 4.99 16.72 23.60
C MET B 364 3.86 15.76 23.91
N ALA B 365 4.14 14.46 23.89
CA ALA B 365 3.14 13.42 24.09
C ALA B 365 3.88 12.09 24.11
N TYR B 366 3.17 11.01 24.44
CA TYR B 366 3.73 9.67 24.30
C TYR B 366 3.39 9.12 22.92
N PHE B 367 4.43 8.86 22.16
CA PHE B 367 4.32 8.51 20.76
C PHE B 367 4.56 7.03 20.52
N GLU B 368 3.73 6.44 19.68
CA GLU B 368 3.82 5.04 19.32
C GLU B 368 3.58 4.93 17.84
N PHE B 369 3.97 3.79 17.27
CA PHE B 369 4.02 3.65 15.83
C PHE B 369 3.49 2.31 15.36
N LEU B 370 2.53 2.39 14.44
CA LEU B 370 1.85 1.26 13.84
C LEU B 370 2.47 1.01 12.48
N PRO B 371 3.17 -0.15 12.32
CA PRO B 371 3.83 -0.48 11.07
C PRO B 371 2.87 -0.36 9.90
N HIS B 372 3.32 0.28 8.82
CA HIS B 372 2.46 0.56 7.66
C HIS B 372 1.66 -0.64 7.21
N GLU B 373 2.33 -1.79 7.17
CA GLU B 373 1.70 -3.04 6.76
C GLU B 373 0.53 -3.47 7.64
N HIS B 374 0.50 -3.00 8.89
CA HIS B 374 -0.65 -3.24 9.79
C HIS B 374 -1.64 -2.12 9.88
N SER B 375 -1.52 -1.12 9.00
CA SER B 375 -2.33 0.09 9.18
C SER B 375 -3.69 0.05 8.46
N SER B 376 -3.90 -0.93 7.59
CA SER B 376 -5.18 -1.05 6.89
C SER B 376 -6.04 -2.26 7.31
N ILE B 377 -5.84 -2.75 8.53
CA ILE B 377 -6.56 -3.94 9.03
C ILE B 377 -7.27 -3.71 10.36
N PRO B 378 -8.44 -4.35 10.57
CA PRO B 378 -9.11 -4.20 11.85
C PRO B 378 -8.23 -4.65 13.00
N LEU B 379 -8.13 -3.79 14.01
CA LEU B 379 -7.44 -4.13 15.23
C LEU B 379 -8.50 -4.62 16.18
N SER B 380 -8.07 -5.25 17.27
CA SER B 380 -9.04 -5.65 18.27
C SER B 380 -8.80 -4.94 19.58
N ARG B 381 -9.90 -4.51 20.19
CA ARG B 381 -9.87 -3.77 21.46
C ARG B 381 -9.40 -4.65 22.62
N ASP B 382 -9.66 -5.95 22.52
N ASP B 382 -9.64 -5.95 22.52
CA ASP B 382 -9.28 -6.89 23.59
CA ASP B 382 -9.28 -6.87 23.60
C ASP B 382 -7.83 -7.34 23.52
C ASP B 382 -7.84 -7.38 23.52
N SER B 383 -7.24 -7.29 22.34
CA SER B 383 -5.83 -7.67 22.13
C SER B 383 -5.13 -6.66 21.23
N PRO B 384 -4.79 -5.47 21.80
CA PRO B 384 -4.20 -4.41 21.02
C PRO B 384 -2.78 -4.77 20.61
N PRO B 385 -2.31 -4.26 19.46
CA PRO B 385 -0.92 -4.42 19.06
C PRO B 385 -0.02 -3.74 20.07
N ARG B 386 1.21 -4.24 20.19
N ARG B 386 1.21 -4.23 20.16
CA ARG B 386 2.21 -3.63 21.06
CA ARG B 386 2.21 -3.66 21.05
C ARG B 386 2.63 -2.25 20.58
C ARG B 386 2.69 -2.29 20.58
N LEU B 387 2.72 -2.10 19.25
CA LEU B 387 3.24 -0.89 18.61
C LEU B 387 4.75 -0.69 18.86
N VAL B 388 5.35 0.26 18.16
CA VAL B 388 6.78 0.52 18.30
C VAL B 388 6.93 1.88 18.97
N ASP B 389 7.75 1.92 20.01
CA ASP B 389 8.01 3.17 20.71
C ASP B 389 8.85 4.12 19.87
N LEU B 390 8.70 5.41 20.13
CA LEU B 390 9.43 6.47 19.42
C LEU B 390 10.92 6.12 19.24
N ALA B 391 11.58 5.70 20.32
CA ALA B 391 13.03 5.49 20.28
C ALA B 391 13.48 4.23 19.53
N HIS B 392 12.54 3.35 19.20
CA HIS B 392 12.89 2.06 18.59
C HIS B 392 12.45 1.89 17.16
N VAL B 393 12.07 2.97 16.49
CA VAL B 393 11.71 2.86 15.09
C VAL B 393 12.97 2.62 14.26
N GLU B 394 12.77 2.08 13.06
CA GLU B 394 13.89 1.66 12.22
C GLU B 394 13.99 2.51 10.95
N VAL B 395 15.20 3.01 10.67
CA VAL B 395 15.48 3.80 9.47
C VAL B 395 14.98 3.06 8.22
N GLY B 396 14.26 3.77 7.36
CA GLY B 396 13.72 3.19 6.13
C GLY B 396 12.32 2.62 6.28
N LYS B 397 11.87 2.40 7.51
CA LYS B 397 10.54 1.82 7.71
C LYS B 397 9.43 2.89 7.76
N GLU B 398 8.23 2.49 7.34
CA GLU B 398 7.07 3.38 7.32
C GLU B 398 6.03 3.00 8.38
N TYR B 399 5.53 4.01 9.09
CA TYR B 399 4.57 3.80 10.19
C TYR B 399 3.41 4.80 10.19
N GLU B 400 2.28 4.40 10.78
CA GLU B 400 1.21 5.32 11.12
C GLU B 400 1.45 5.86 12.53
N LEU B 401 1.35 7.18 12.68
CA LEU B 401 1.56 7.85 13.96
C LEU B 401 0.42 7.62 14.95
N VAL B 402 0.79 7.30 16.19
CA VAL B 402 -0.18 7.04 17.26
C VAL B 402 0.25 7.87 18.47
N ILE B 403 -0.71 8.56 19.07
CA ILE B 403 -0.38 9.49 20.17
C ILE B 403 -1.19 9.23 21.43
N THR B 404 -0.56 9.54 22.57
CA THR B 404 -1.27 9.59 23.82
C THR B 404 -0.96 10.96 24.40
N THR B 405 -2.02 11.75 24.61
CA THR B 405 -1.87 13.14 25.00
C THR B 405 -2.32 13.37 26.43
N TYR B 406 -1.81 14.45 27.03
CA TYR B 406 -2.22 14.88 28.36
C TYR B 406 -3.72 15.18 28.48
N ALA B 407 -4.32 15.57 27.35
CA ALA B 407 -5.76 15.87 27.27
C ALA B 407 -6.65 14.64 27.26
N GLY B 408 -6.04 13.45 27.18
CA GLY B 408 -6.82 12.22 27.21
C GLY B 408 -7.20 11.62 25.87
N LEU B 409 -6.36 11.81 24.86
CA LEU B 409 -6.36 10.94 23.70
C LEU B 409 -5.38 9.81 24.02
N TYR B 410 -5.86 8.57 24.08
CA TYR B 410 -5.01 7.43 24.44
C TYR B 410 -4.82 6.48 23.27
N ARG B 411 -3.57 6.27 22.86
CA ARG B 411 -3.25 5.42 21.73
C ARG B 411 -4.13 5.75 20.53
N TYR B 412 -4.20 7.05 20.26
CA TYR B 412 -5.05 7.62 19.24
C TYR B 412 -4.31 7.74 17.91
N ARG B 413 -4.93 7.18 16.87
CA ARG B 413 -4.33 7.13 15.54
C ARG B 413 -4.56 8.44 14.82
N VAL B 414 -3.47 9.12 14.47
CA VAL B 414 -3.55 10.42 13.81
C VAL B 414 -3.95 10.22 12.34
N GLY B 415 -3.44 9.17 11.73
CA GLY B 415 -3.70 8.87 10.32
C GLY B 415 -2.55 9.26 9.41
N ASP B 416 -1.46 9.73 10.01
CA ASP B 416 -0.27 10.16 9.25
C ASP B 416 0.70 8.99 9.04
N ILE B 417 1.16 8.84 7.81
CA ILE B 417 2.18 7.84 7.47
C ILE B 417 3.52 8.56 7.43
N LEU B 418 4.46 8.09 8.26
CA LEU B 418 5.80 8.65 8.33
C LEU B 418 6.88 7.64 7.96
N ARG B 419 7.95 8.12 7.31
CA ARG B 419 9.11 7.29 7.01
C ARG B 419 10.33 7.76 7.77
N VAL B 420 10.93 6.85 8.54
CA VAL B 420 12.10 7.18 9.34
C VAL B 420 13.33 7.37 8.43
N THR B 421 13.96 8.54 8.53
CA THR B 421 15.10 8.87 7.67
C THR B 421 16.43 8.87 8.42
N GLY B 422 16.38 9.00 9.73
CA GLY B 422 17.59 9.06 10.51
C GLY B 422 17.29 9.38 11.95
N PHE B 423 18.35 9.64 12.71
CA PHE B 423 18.26 9.96 14.12
C PHE B 423 19.06 11.22 14.43
N HIS B 424 18.48 12.07 15.27
CA HIS B 424 19.23 13.14 15.87
C HIS B 424 19.40 12.74 17.30
N ASN B 425 20.66 12.49 17.71
CA ASN B 425 20.94 11.76 18.96
C ASN B 425 20.06 10.49 19.02
N SER B 426 19.24 10.33 20.05
CA SER B 426 18.41 9.11 20.18
C SER B 426 16.99 9.27 19.62
N ALA B 427 16.70 10.43 19.05
CA ALA B 427 15.35 10.75 18.63
C ALA B 427 15.20 10.62 17.13
N PRO B 428 14.17 9.87 16.69
CA PRO B 428 13.98 9.61 15.27
C PRO B 428 13.55 10.84 14.46
N GLN B 429 13.82 10.79 13.16
CA GLN B 429 13.47 11.86 12.23
C GLN B 429 12.64 11.28 11.09
N PHE B 430 11.65 12.04 10.63
CA PHE B 430 10.60 11.50 9.75
C PHE B 430 10.40 12.31 8.50
N HIS B 431 10.36 11.62 7.37
CA HIS B 431 9.81 12.16 6.14
C HIS B 431 8.32 11.97 6.21
N PHE B 432 7.58 13.05 5.96
CA PHE B 432 6.13 12.97 5.98
C PHE B 432 5.69 12.38 4.66
N VAL B 433 4.84 11.37 4.71
CA VAL B 433 4.46 10.69 3.50
C VAL B 433 3.09 11.10 3.01
N ARG B 434 2.07 10.84 3.83
CA ARG B 434 0.71 11.21 3.51
CA ARG B 434 0.68 11.09 3.47
C ARG B 434 -0.19 11.00 4.71
N ARG B 435 -1.37 11.59 4.63
CA ARG B 435 -2.41 11.35 5.60
C ARG B 435 -3.34 10.35 4.92
N LYS B 436 -3.58 9.21 5.56
CA LYS B 436 -4.40 8.12 4.99
C LYS B 436 -5.75 8.61 4.50
N ASN B 437 -6.20 8.02 3.39
CA ASN B 437 -7.54 8.24 2.88
C ASN B 437 -7.83 9.67 2.38
N VAL B 438 -6.81 10.35 1.86
CA VAL B 438 -7.08 11.62 1.23
C VAL B 438 -6.94 11.45 -0.28
N LEU B 439 -8.06 11.55 -0.99
CA LEU B 439 -8.02 11.56 -2.44
C LEU B 439 -7.66 12.94 -2.96
N LEU B 440 -8.43 13.94 -2.54
CA LEU B 440 -8.33 15.30 -3.07
C LEU B 440 -8.21 16.32 -1.95
N SER B 441 -7.29 17.25 -2.13
CA SER B 441 -7.16 18.39 -1.24
C SER B 441 -6.49 19.56 -1.94
N ILE B 442 -7.00 20.76 -1.71
CA ILE B 442 -6.44 21.98 -2.31
C ILE B 442 -5.71 22.76 -1.22
N ASP B 443 -6.44 22.97 -0.12
CA ASP B 443 -5.92 23.67 1.03
C ASP B 443 -5.94 22.70 2.21
N SER B 444 -6.87 22.91 3.14
CA SER B 444 -6.94 22.09 4.34
C SER B 444 -8.05 21.08 4.22
N ASP B 445 -8.87 21.24 3.19
CA ASP B 445 -9.88 20.28 2.80
C ASP B 445 -9.24 18.93 2.51
N LYS B 446 -9.88 17.87 3.00
CA LYS B 446 -9.47 16.51 2.70
C LYS B 446 -10.73 15.75 2.29
N THR B 447 -10.76 15.34 1.01
CA THR B 447 -11.88 14.56 0.49
C THR B 447 -11.42 13.14 0.17
N ASP B 448 -12.12 12.15 0.74
CA ASP B 448 -11.81 10.73 0.53
C ASP B 448 -12.66 10.06 -0.54
N GLU B 449 -12.28 8.83 -0.89
CA GLU B 449 -12.97 8.03 -1.92
C GLU B 449 -14.47 7.95 -1.68
N ALA B 450 -14.85 7.64 -0.44
CA ALA B 450 -16.27 7.50 -0.08
C ALA B 450 -17.08 8.79 -0.24
N GLU B 451 -16.50 9.93 0.13
CA GLU B 451 -17.19 11.22 0.00
C GLU B 451 -17.40 11.57 -1.47
N LEU B 452 -16.37 11.34 -2.27
CA LEU B 452 -16.43 11.62 -3.70
C LEU B 452 -17.49 10.76 -4.38
N GLN B 453 -17.59 9.50 -3.96
CA GLN B 453 -18.58 8.58 -4.54
C GLN B 453 -19.98 9.10 -4.22
N LYS B 454 -20.22 9.44 -2.95
CA LYS B 454 -21.52 9.98 -2.53
C LYS B 454 -21.83 11.29 -3.26
N ALA B 455 -20.78 12.00 -3.67
CA ALA B 455 -20.91 13.24 -4.42
C ALA B 455 -21.31 12.95 -5.85
N VAL B 456 -20.69 11.94 -6.44
CA VAL B 456 -21.02 11.52 -7.80
C VAL B 456 -22.44 10.96 -7.87
N ASP B 457 -22.84 10.23 -6.84
CA ASP B 457 -24.15 9.59 -6.82
C ASP B 457 -25.27 10.61 -6.75
N ASN B 458 -25.08 11.65 -5.93
CA ASN B 458 -26.11 12.65 -5.74
C ASN B 458 -26.33 13.49 -6.99
N ALA B 459 -25.24 13.82 -7.68
CA ALA B 459 -25.27 14.51 -8.96
C ALA B 459 -25.93 13.66 -10.05
N SER B 460 -25.81 12.35 -9.92
CA SER B 460 -26.39 11.38 -10.87
C SER B 460 -27.91 11.37 -10.84
N LYS B 461 -28.50 11.69 -9.68
CA LYS B 461 -29.95 11.84 -9.56
C LYS B 461 -30.55 12.91 -10.49
N LEU B 462 -29.73 13.87 -10.91
CA LEU B 462 -30.12 14.95 -11.83
C LEU B 462 -30.16 14.47 -13.28
N LEU B 463 -29.19 13.60 -13.62
CA LEU B 463 -29.08 13.04 -14.96
C LEU B 463 -30.18 12.01 -15.23
N ARG B 464 -30.80 11.52 -14.16
CA ARG B 464 -31.96 10.64 -14.24
C ARG B 464 -33.13 11.28 -14.97
N GLU B 465 -33.15 12.61 -15.05
CA GLU B 465 -34.26 13.34 -15.70
C GLU B 465 -34.04 13.43 -17.21
N VAL B 466 -32.78 13.42 -17.63
CA VAL B 466 -32.45 12.95 -18.98
C VAL B 466 -32.45 11.42 -18.85
N ASN B 467 -32.03 10.69 -19.87
CA ASN B 467 -31.80 9.28 -19.64
C ASN B 467 -30.31 9.06 -19.74
N THR B 468 -29.62 9.48 -18.68
CA THR B 468 -28.17 9.53 -18.68
C THR B 468 -27.57 8.98 -17.39
N SER B 469 -26.53 8.17 -17.54
CA SER B 469 -25.82 7.53 -16.44
C SER B 469 -24.36 7.92 -16.55
N VAL B 470 -23.67 7.96 -15.42
CA VAL B 470 -22.22 8.14 -15.46
C VAL B 470 -21.63 6.78 -15.75
N VAL B 471 -21.02 6.66 -16.93
CA VAL B 471 -20.37 5.41 -17.33
C VAL B 471 -19.22 5.21 -16.37
N GLU B 472 -18.32 6.19 -16.33
CA GLU B 472 -17.14 6.13 -15.48
C GLU B 472 -16.73 7.53 -15.06
N TYR B 473 -15.93 7.61 -13.99
CA TYR B 473 -15.42 8.88 -13.51
C TYR B 473 -14.09 8.73 -12.81
N THR B 474 -13.26 9.75 -12.96
CA THR B 474 -12.06 9.94 -12.15
C THR B 474 -12.06 11.39 -11.66
N SER B 475 -11.01 11.82 -10.97
CA SER B 475 -10.95 13.18 -10.45
C SER B 475 -9.51 13.64 -10.38
N PHE B 476 -9.29 14.94 -10.20
CA PHE B 476 -7.94 15.44 -10.01
C PHE B 476 -7.91 16.86 -9.43
N ALA B 477 -6.82 17.18 -8.73
CA ALA B 477 -6.66 18.48 -8.11
C ALA B 477 -6.00 19.45 -9.08
N ASP B 478 -6.75 20.46 -9.49
CA ASP B 478 -6.25 21.46 -10.44
C ASP B 478 -5.70 22.68 -9.70
N THR B 479 -4.44 22.98 -9.96
CA THR B 479 -3.78 24.12 -9.35
C THR B 479 -3.08 24.97 -10.43
N LYS B 480 -3.63 24.94 -11.64
CA LYS B 480 -3.17 25.79 -12.73
C LYS B 480 -3.45 27.26 -12.40
N THR B 481 -4.56 27.50 -11.70
CA THR B 481 -4.87 28.83 -11.16
C THR B 481 -5.14 28.81 -9.65
N ILE B 482 -4.89 29.95 -9.02
CA ILE B 482 -5.09 30.15 -7.58
C ILE B 482 -6.38 30.91 -7.34
N PRO B 483 -7.27 30.38 -6.49
CA PRO B 483 -7.15 29.10 -5.77
C PRO B 483 -7.30 27.89 -6.70
N GLY B 484 -6.90 26.72 -6.22
CA GLY B 484 -7.12 25.48 -6.93
C GLY B 484 -8.56 25.02 -6.78
N HIS B 485 -8.93 23.99 -7.54
CA HIS B 485 -10.29 23.43 -7.49
C HIS B 485 -10.31 21.99 -7.93
N TYR B 486 -11.34 21.25 -7.49
CA TYR B 486 -11.55 19.86 -7.92
C TYR B 486 -12.04 19.78 -9.36
N VAL B 487 -11.40 18.92 -10.15
CA VAL B 487 -11.86 18.60 -11.48
C VAL B 487 -12.31 17.14 -11.51
N ILE B 488 -13.59 16.91 -11.76
CA ILE B 488 -14.15 15.57 -11.85
C ILE B 488 -14.49 15.24 -13.30
N TYR B 489 -13.85 14.19 -13.81
CA TYR B 489 -14.05 13.73 -15.20
C TYR B 489 -15.24 12.78 -15.34
N TRP B 490 -15.95 12.91 -16.45
CA TRP B 490 -17.22 12.22 -16.63
C TRP B 490 -17.38 11.67 -18.02
N GLU B 491 -17.52 10.35 -18.12
CA GLU B 491 -18.00 9.72 -19.35
C GLU B 491 -19.45 9.34 -19.13
N LEU B 492 -20.30 9.75 -20.07
CA LEU B 492 -21.75 9.58 -19.89
C LEU B 492 -22.40 8.77 -20.99
N LEU B 493 -23.42 8.00 -20.60
CA LEU B 493 -24.25 7.26 -21.52
C LEU B 493 -25.58 8.00 -21.69
N VAL B 494 -25.82 8.54 -22.89
CA VAL B 494 -27.06 9.25 -23.18
C VAL B 494 -28.02 8.42 -24.01
N LYS B 495 -29.05 7.86 -23.37
CA LYS B 495 -30.02 7.05 -24.07
C LYS B 495 -30.26 7.56 -25.48
N ASP B 496 -30.72 8.81 -25.59
CA ASP B 496 -31.03 9.42 -26.88
C ASP B 496 -30.33 10.76 -27.10
N SER B 497 -29.45 10.81 -28.09
CA SER B 497 -28.70 12.02 -28.41
C SER B 497 -29.60 13.25 -28.47
N ALA B 498 -30.89 13.02 -28.68
CA ALA B 498 -31.84 14.12 -28.80
C ALA B 498 -32.06 14.81 -27.46
N ASN B 499 -31.92 14.05 -26.38
CA ASN B 499 -32.08 14.61 -25.04
C ASN B 499 -30.77 14.51 -24.24
N SER B 500 -29.75 15.22 -24.72
CA SER B 500 -28.44 15.30 -24.06
C SER B 500 -28.55 16.14 -22.78
N PRO B 501 -27.52 16.09 -21.91
CA PRO B 501 -27.51 16.97 -20.75
C PRO B 501 -27.11 18.40 -21.12
N SER B 502 -27.91 19.37 -20.69
CA SER B 502 -27.65 20.78 -20.99
C SER B 502 -26.59 21.39 -20.08
N ASP B 503 -25.93 22.44 -20.57
CA ASP B 503 -24.97 23.20 -19.75
C ASP B 503 -25.58 23.66 -18.41
N GLU B 504 -26.87 23.98 -18.42
CA GLU B 504 -27.59 24.43 -17.21
C GLU B 504 -27.88 23.27 -16.23
N LEU B 505 -27.86 22.05 -16.75
CA LEU B 505 -28.12 20.86 -15.93
C LEU B 505 -26.85 20.34 -15.23
N LEU B 506 -25.76 20.23 -15.99
N LEU B 506 -25.77 20.25 -16.00
CA LEU B 506 -24.50 19.75 -15.43
CA LEU B 506 -24.47 19.80 -15.51
C LEU B 506 -23.87 20.74 -14.44
C LEU B 506 -23.93 20.73 -14.43
N GLY B 507 -24.27 22.01 -14.54
CA GLY B 507 -23.89 23.02 -13.55
C GLY B 507 -24.62 22.76 -12.24
N GLN B 508 -25.87 22.34 -12.34
CA GLN B 508 -26.61 21.95 -11.14
C GLN B 508 -26.12 20.62 -10.55
N CYS B 509 -25.40 19.83 -11.35
CA CYS B 509 -24.70 18.64 -10.86
C CYS B 509 -23.48 19.07 -10.06
N CYS B 510 -22.73 20.01 -10.65
CA CYS B 510 -21.55 20.60 -10.02
C CYS B 510 -21.88 21.06 -8.62
N LEU B 511 -22.99 21.78 -8.46
CA LEU B 511 -23.43 22.25 -7.15
C LEU B 511 -23.84 21.12 -6.22
N ALA B 512 -24.51 20.10 -6.74
CA ALA B 512 -24.98 18.97 -5.93
C ALA B 512 -23.84 18.13 -5.38
N MET B 513 -22.76 18.00 -6.15
CA MET B 513 -21.53 17.38 -5.68
C MET B 513 -20.96 18.18 -4.49
N GLU B 514 -20.87 19.50 -4.67
CA GLU B 514 -20.34 20.39 -3.65
C GLU B 514 -21.15 20.35 -2.37
N GLU B 515 -22.48 20.33 -2.51
CA GLU B 515 -23.37 20.25 -1.35
C GLU B 515 -23.12 18.97 -0.54
N SER B 516 -22.48 17.98 -1.16
CA SER B 516 -22.24 16.68 -0.53
C SER B 516 -20.90 16.59 0.21
N LEU B 517 -19.92 17.38 -0.20
CA LEU B 517 -18.57 17.35 0.39
C LEU B 517 -18.58 17.89 1.83
N ASN B 518 -17.53 17.56 2.60
CA ASN B 518 -17.52 17.85 4.02
C ASN B 518 -17.42 19.35 4.39
N SER B 519 -17.70 19.64 5.67
CA SER B 519 -17.66 21.01 6.20
C SER B 519 -16.44 21.86 5.78
N VAL B 520 -15.26 21.24 5.72
CA VAL B 520 -14.03 21.98 5.38
C VAL B 520 -13.98 22.36 3.90
N TYR B 521 -14.54 21.51 3.05
CA TYR B 521 -14.56 21.82 1.63
C TYR B 521 -15.46 23.05 1.39
N ARG B 522 -16.65 22.99 1.97
CA ARG B 522 -17.66 24.01 1.75
C ARG B 522 -17.25 25.33 2.40
N GLN B 523 -16.64 25.27 3.59
CA GLN B 523 -16.04 26.43 4.27
C GLN B 523 -15.00 27.14 3.41
N GLY B 524 -14.09 26.39 2.80
CA GLY B 524 -13.09 26.98 1.90
C GLY B 524 -13.69 27.65 0.67
N ARG B 525 -14.90 27.24 0.30
CA ARG B 525 -15.57 27.82 -0.86
C ARG B 525 -16.24 29.11 -0.44
N VAL B 526 -16.94 29.05 0.70
CA VAL B 526 -17.81 30.11 1.19
C VAL B 526 -17.03 31.20 1.93
N ALA B 527 -16.35 30.80 3.01
CA ALA B 527 -15.75 31.71 3.98
C ALA B 527 -14.51 32.50 3.50
N ASP B 528 -13.49 31.82 3.01
CA ASP B 528 -12.24 32.51 2.68
C ASP B 528 -11.79 32.39 1.23
N ASN B 529 -12.67 31.87 0.37
CA ASN B 529 -12.37 31.66 -1.06
C ASN B 529 -11.01 30.96 -1.34
N SER B 530 -10.73 29.93 -0.56
CA SER B 530 -9.48 29.15 -0.70
C SER B 530 -9.61 27.92 -1.60
N ILE B 531 -10.85 27.54 -1.92
CA ILE B 531 -11.12 26.52 -2.92
C ILE B 531 -11.97 27.14 -4.02
N GLY B 532 -11.50 27.01 -5.27
CA GLY B 532 -12.23 27.50 -6.44
C GLY B 532 -13.44 26.63 -6.79
N PRO B 533 -14.28 27.11 -7.73
CA PRO B 533 -15.51 26.33 -8.01
C PRO B 533 -15.21 25.01 -8.72
N LEU B 534 -15.85 23.95 -8.24
CA LEU B 534 -15.68 22.60 -8.77
C LEU B 534 -16.07 22.52 -10.25
N GLU B 535 -15.25 21.79 -11.02
CA GLU B 535 -15.44 21.64 -12.46
C GLU B 535 -15.75 20.19 -12.86
N ILE B 536 -16.82 19.99 -13.62
CA ILE B 536 -17.11 18.71 -14.26
C ILE B 536 -16.68 18.77 -15.73
N ARG B 537 -15.76 17.89 -16.09
CA ARG B 537 -15.31 17.77 -17.47
C ARG B 537 -15.89 16.50 -18.10
N VAL B 538 -16.70 16.67 -19.15
CA VAL B 538 -17.25 15.55 -19.89
C VAL B 538 -16.25 15.10 -20.94
N VAL B 539 -16.10 13.78 -21.06
CA VAL B 539 -15.29 13.16 -22.09
C VAL B 539 -16.11 12.36 -23.12
N LYS B 540 -15.53 12.20 -24.31
CA LYS B 540 -16.08 11.36 -25.39
C LYS B 540 -16.29 9.92 -24.91
N SER B 541 -17.23 9.22 -25.55
CA SER B 541 -17.49 7.80 -25.26
C SER B 541 -16.24 6.93 -25.40
N GLY B 542 -16.06 6.01 -24.46
CA GLY B 542 -14.94 5.06 -24.47
C GLY B 542 -13.59 5.66 -24.17
N THR B 543 -13.57 6.86 -23.58
CA THR B 543 -12.32 7.51 -23.20
C THR B 543 -11.67 6.79 -22.00
N PHE B 544 -12.50 6.29 -21.09
CA PHE B 544 -12.04 5.53 -19.94
C PHE B 544 -11.52 4.15 -20.33
N GLU B 545 -12.23 3.48 -21.25
CA GLU B 545 -11.77 2.20 -21.80
C GLU B 545 -10.37 2.37 -22.43
N GLU B 546 -10.20 3.45 -23.19
CA GLU B 546 -8.91 3.81 -23.78
C GLU B 546 -7.88 4.21 -22.72
N LEU B 547 -8.37 4.80 -21.62
CA LEU B 547 -7.54 5.15 -20.48
C LEU B 547 -7.02 3.89 -19.79
N MET B 548 -7.91 2.93 -19.57
CA MET B 548 -7.57 1.65 -18.95
C MET B 548 -6.63 0.82 -19.84
N ASP B 549 -6.83 0.89 -21.16
CA ASP B 549 -5.93 0.26 -22.13
C ASP B 549 -4.48 0.72 -21.95
N TYR B 550 -4.32 1.98 -21.55
CA TYR B 550 -3.01 2.57 -21.25
C TYR B 550 -2.41 1.95 -19.98
N ALA B 551 -1.67 0.85 -20.17
CA ALA B 551 -1.03 0.04 -19.10
C ALA B 551 -1.37 -1.45 -19.24
N TYR B 561 -8.08 -3.23 -14.50
CA TYR B 561 -9.21 -3.80 -13.77
C TYR B 561 -10.26 -2.72 -13.38
N LYS B 562 -9.98 -2.00 -12.28
CA LYS B 562 -10.84 -0.91 -11.78
C LYS B 562 -10.20 0.47 -11.99
N VAL B 563 -11.02 1.43 -12.39
CA VAL B 563 -10.57 2.79 -12.72
C VAL B 563 -10.22 3.59 -11.47
N PRO B 564 -9.03 4.21 -11.45
CA PRO B 564 -8.64 5.03 -10.31
C PRO B 564 -9.60 6.21 -10.08
N ARG B 565 -9.95 6.44 -8.82
CA ARG B 565 -10.93 7.47 -8.46
C ARG B 565 -10.28 8.86 -8.47
N CYS B 566 -8.95 8.89 -8.42
CA CYS B 566 -8.14 10.10 -8.54
C CYS B 566 -7.07 9.85 -9.60
N VAL B 567 -6.49 10.91 -10.16
CA VAL B 567 -5.36 10.82 -11.11
C VAL B 567 -4.43 12.03 -10.97
N ASN B 568 -3.12 11.81 -10.94
CA ASN B 568 -2.17 12.92 -10.99
C ASN B 568 -0.90 12.60 -11.79
N PHE B 569 -1.10 12.05 -12.98
CA PHE B 569 -0.02 11.72 -13.90
C PHE B 569 -0.30 12.44 -15.22
N THR B 570 0.61 13.31 -15.63
CA THR B 570 0.36 14.24 -16.74
C THR B 570 0.06 13.62 -18.13
N PRO B 571 0.75 12.54 -18.53
CA PRO B 571 0.35 11.89 -19.80
C PRO B 571 -1.08 11.35 -19.75
N ILE B 572 -1.47 10.82 -18.60
CA ILE B 572 -2.84 10.36 -18.36
C ILE B 572 -3.82 11.55 -18.32
N MET B 573 -3.31 12.71 -17.94
CA MET B 573 -4.12 13.93 -17.96
C MET B 573 -4.26 14.43 -19.40
N GLU B 574 -3.12 14.59 -20.06
CA GLU B 574 -3.07 14.89 -21.50
C GLU B 574 -4.02 13.99 -22.27
N LEU B 575 -3.98 12.70 -21.95
CA LEU B 575 -4.85 11.71 -22.61
C LEU B 575 -6.33 12.02 -22.37
N LEU B 576 -6.68 12.30 -21.12
CA LEU B 576 -8.05 12.66 -20.75
C LEU B 576 -8.46 14.01 -21.33
N ASP B 577 -7.54 14.97 -21.26
CA ASP B 577 -7.83 16.33 -21.72
C ASP B 577 -8.03 16.39 -23.23
N SER B 578 -7.36 15.48 -23.95
CA SER B 578 -7.55 15.31 -25.40
C SER B 578 -8.99 14.98 -25.77
N ARG B 579 -9.69 14.27 -24.89
CA ARG B 579 -11.01 13.75 -25.19
C ARG B 579 -12.15 14.48 -24.46
N VAL B 580 -11.89 15.73 -24.05
CA VAL B 580 -12.90 16.56 -23.37
C VAL B 580 -13.92 17.14 -24.36
N VAL B 581 -15.19 16.80 -24.14
CA VAL B 581 -16.30 17.33 -24.93
C VAL B 581 -16.64 18.75 -24.47
N SER B 582 -16.87 18.90 -23.16
CA SER B 582 -17.26 20.18 -22.58
C SER B 582 -16.88 20.21 -21.10
N SER B 583 -16.79 21.42 -20.53
CA SER B 583 -16.41 21.62 -19.14
C SER B 583 -17.33 22.61 -18.43
N HIS B 584 -17.69 22.30 -17.19
CA HIS B 584 -18.71 23.06 -16.47
C HIS B 584 -18.36 23.26 -15.02
N PHE B 585 -18.67 24.45 -14.50
CA PHE B 585 -18.41 24.82 -13.12
C PHE B 585 -19.73 25.11 -12.43
N SER B 586 -19.78 25.00 -11.10
CA SER B 586 -21.00 25.33 -10.36
C SER B 586 -21.28 26.83 -10.39
N PRO B 587 -22.55 27.21 -10.62
CA PRO B 587 -22.91 28.62 -10.72
C PRO B 587 -22.99 29.32 -9.34
N ALA B 588 -23.19 28.54 -8.29
CA ALA B 588 -23.40 29.09 -6.95
C ALA B 588 -22.48 28.43 -5.92
N LEU B 589 -22.38 29.07 -4.76
CA LEU B 589 -21.63 28.52 -3.64
C LEU B 589 -22.51 27.51 -2.93
N PRO B 590 -21.90 26.44 -2.39
CA PRO B 590 -22.65 25.50 -1.55
C PRO B 590 -23.07 26.16 -0.25
N HIS B 591 -24.13 25.66 0.38
CA HIS B 591 -24.55 26.17 1.67
C HIS B 591 -23.59 25.76 2.76
N TRP B 592 -23.14 26.73 3.54
CA TRP B 592 -22.25 26.49 4.69
C TRP B 592 -22.45 27.50 5.79
N THR B 593 -22.61 27.00 7.01
CA THR B 593 -22.61 27.84 8.21
C THR B 593 -21.64 27.27 9.25
N PRO B 594 -21.16 28.13 10.19
CA PRO B 594 -20.29 27.69 11.29
C PRO B 594 -20.89 26.58 12.16
N ALA B 595 -22.21 26.48 12.21
CA ALA B 595 -22.90 25.49 13.03
C ALA B 595 -22.60 24.07 12.59
N ARG B 596 -22.51 23.17 13.55
CA ARG B 596 -22.10 21.81 13.25
C ARG B 596 -23.23 20.91 12.74
#